data_6L9D
# 
_entry.id   6L9D 
# 
_audit_conform.dict_name       mmcif_pdbx.dic 
_audit_conform.dict_version    5.398 
_audit_conform.dict_location   http://mmcif.pdb.org/dictionaries/ascii/mmcif_pdbx.dic 
# 
loop_
_database_2.database_id 
_database_2.database_code 
_database_2.pdbx_database_accession 
_database_2.pdbx_DOI 
PDB   6L9D         pdb_00006l9d 10.2210/pdb6l9d/pdb 
WWPDB D_1300014422 ?            ?                   
# 
loop_
_pdbx_audit_revision_history.ordinal 
_pdbx_audit_revision_history.data_content_type 
_pdbx_audit_revision_history.major_revision 
_pdbx_audit_revision_history.minor_revision 
_pdbx_audit_revision_history.revision_date 
1 'Structure model' 1 0 2020-08-12 
2 'Structure model' 1 1 2021-08-04 
3 'Structure model' 1 2 2022-02-09 
4 'Structure model' 1 3 2023-11-22 
5 'Structure model' 1 4 2024-11-13 
# 
_pdbx_audit_revision_details.ordinal             1 
_pdbx_audit_revision_details.revision_ordinal    1 
_pdbx_audit_revision_details.data_content_type   'Structure model' 
_pdbx_audit_revision_details.provider            repository 
_pdbx_audit_revision_details.type                'Initial release' 
_pdbx_audit_revision_details.description         ? 
_pdbx_audit_revision_details.details             ? 
# 
loop_
_pdbx_audit_revision_group.ordinal 
_pdbx_audit_revision_group.revision_ordinal 
_pdbx_audit_revision_group.data_content_type 
_pdbx_audit_revision_group.group 
1 2 'Structure model' 'Database references'    
2 3 'Structure model' 'Database references'    
3 4 'Structure model' 'Data collection'        
4 4 'Structure model' 'Refinement description' 
5 5 'Structure model' 'Structure summary'      
# 
loop_
_pdbx_audit_revision_category.ordinal 
_pdbx_audit_revision_category.revision_ordinal 
_pdbx_audit_revision_category.data_content_type 
_pdbx_audit_revision_category.category 
1 2 'Structure model' citation                      
2 2 'Structure model' citation_author               
3 3 'Structure model' citation                      
4 3 'Structure model' database_2                    
5 4 'Structure model' chem_comp_atom                
6 4 'Structure model' chem_comp_bond                
7 4 'Structure model' pdbx_initial_refinement_model 
8 5 'Structure model' pdbx_entry_details            
# 
loop_
_pdbx_audit_revision_item.ordinal 
_pdbx_audit_revision_item.revision_ordinal 
_pdbx_audit_revision_item.data_content_type 
_pdbx_audit_revision_item.item 
1  2 'Structure model' '_citation.journal_id_ISSN'                    
2  2 'Structure model' '_citation.journal_volume'                     
3  2 'Structure model' '_citation.page_first'                         
4  2 'Structure model' '_citation.page_last'                          
5  2 'Structure model' '_citation.pdbx_database_id_DOI'               
6  2 'Structure model' '_citation.pdbx_database_id_PubMed'            
7  2 'Structure model' '_citation.title'                              
8  2 'Structure model' '_citation_author.identifier_ORCID'            
9  3 'Structure model' '_citation.title'                              
10 3 'Structure model' '_database_2.pdbx_DOI'                         
11 3 'Structure model' '_database_2.pdbx_database_accession'          
12 5 'Structure model' '_pdbx_entry_details.has_protein_modification' 
# 
_pdbx_database_status.status_code                     REL 
_pdbx_database_status.status_code_sf                  REL 
_pdbx_database_status.status_code_mr                  ? 
_pdbx_database_status.entry_id                        6L9D 
_pdbx_database_status.recvd_initial_deposition_date   2019-11-08 
_pdbx_database_status.SG_entry                        N 
_pdbx_database_status.deposit_site                    PDBJ 
_pdbx_database_status.process_site                    PDBJ 
_pdbx_database_status.status_code_cs                  ? 
_pdbx_database_status.methods_development_category    ? 
_pdbx_database_status.pdb_format_compatible           Y 
_pdbx_database_status.status_code_nmr_data            ? 
# 
loop_
_audit_author.name 
_audit_author.pdbx_ordinal 
_audit_author.identifier_ORCID 
'Penmatsa, A.'   1 0000-0001-9519-5055 
'Chatterjee, J.' 2 0000-0002-4124-7339 
'Majumder, P.'   3 0000-0002-5421-6814 
'Khatri, B.'     4 0000-0002-3603-7839 
# 
_citation.abstract                  ? 
_citation.abstract_id_CAS           ? 
_citation.book_id_ISBN              ? 
_citation.book_publisher            ? 
_citation.book_publisher_city       ? 
_citation.book_title                ? 
_citation.coordinate_linkage        ? 
_citation.country                   UK 
_citation.database_id_Medline       ? 
_citation.details                   ? 
_citation.id                        primary 
_citation.journal_abbrev            'Chem Sci' 
_citation.journal_id_ASTM           ? 
_citation.journal_id_CSD            ? 
_citation.journal_id_ISSN           2041-6520 
_citation.journal_full              ? 
_citation.journal_issue             ? 
_citation.journal_volume            11 
_citation.language                  ? 
_citation.page_first                9480 
_citation.page_last                 9487 
_citation.title                     'Increasing protein stability by engineering the n -> pi * interaction at the beta-turn.' 
_citation.year                      2020 
_citation.database_id_CSD           ? 
_citation.pdbx_database_id_DOI      10.1039/d0sc03060k 
_citation.pdbx_database_id_PubMed   34094214 
_citation.unpublished_flag          ? 
# 
loop_
_citation_author.citation_id 
_citation_author.name 
_citation_author.ordinal 
_citation_author.identifier_ORCID 
primary 'Khatri, B.'     1 0000-0002-3603-7839 
primary 'Majumder, P.'   2 0000-0002-5421-6814 
primary 'Nagesh, J.'     3 0000-0002-0415-8329 
primary 'Penmatsa, A.'   4 0000-0001-9519-5055 
primary 'Chatterjee, J.' 5 0000-0002-4124-7339 
# 
loop_
_entity.id 
_entity.type 
_entity.src_method 
_entity.pdbx_description 
_entity.formula_weight 
_entity.pdbx_number_of_molecules 
_entity.pdbx_ec 
_entity.pdbx_mutation 
_entity.pdbx_fragment 
_entity.details 
1 polymer syn 'Immunoglobulin G-binding protein G' 6141.601 1  ? 'K10DVA, T11S' ? ? 
2 water   nat water                                18.015   18 ? ?              ? ? 
# 
_entity_name_com.entity_id   1 
_entity_name_com.name        'IgG-binding protein G' 
# 
_entity_poly.entity_id                      1 
_entity_poly.type                           'polypeptide(L)' 
_entity_poly.nstd_linkage                   no 
_entity_poly.nstd_monomer                   yes 
_entity_poly.pdbx_seq_one_letter_code       'DTYKLILNG(DVA)SLKGETTTEAVDAATAEKVFKQYANDNGVDGEWTYDDATKTFTVTE' 
_entity_poly.pdbx_seq_one_letter_code_can   DTYKLILNGVSLKGETTTEAVDAATAEKVFKQYANDNGVDGEWTYDDATKTFTVTE 
_entity_poly.pdbx_strand_id                 A 
_entity_poly.pdbx_target_identifier         ? 
# 
_pdbx_entity_nonpoly.entity_id   2 
_pdbx_entity_nonpoly.name        water 
_pdbx_entity_nonpoly.comp_id     HOH 
# 
loop_
_entity_poly_seq.entity_id 
_entity_poly_seq.num 
_entity_poly_seq.mon_id 
_entity_poly_seq.hetero 
1 1  ASP n 
1 2  THR n 
1 3  TYR n 
1 4  LYS n 
1 5  LEU n 
1 6  ILE n 
1 7  LEU n 
1 8  ASN n 
1 9  GLY n 
1 10 DVA n 
1 11 SER n 
1 12 LEU n 
1 13 LYS n 
1 14 GLY n 
1 15 GLU n 
1 16 THR n 
1 17 THR n 
1 18 THR n 
1 19 GLU n 
1 20 ALA n 
1 21 VAL n 
1 22 ASP n 
1 23 ALA n 
1 24 ALA n 
1 25 THR n 
1 26 ALA n 
1 27 GLU n 
1 28 LYS n 
1 29 VAL n 
1 30 PHE n 
1 31 LYS n 
1 32 GLN n 
1 33 TYR n 
1 34 ALA n 
1 35 ASN n 
1 36 ASP n 
1 37 ASN n 
1 38 GLY n 
1 39 VAL n 
1 40 ASP n 
1 41 GLY n 
1 42 GLU n 
1 43 TRP n 
1 44 THR n 
1 45 TYR n 
1 46 ASP n 
1 47 ASP n 
1 48 ALA n 
1 49 THR n 
1 50 LYS n 
1 51 THR n 
1 52 PHE n 
1 53 THR n 
1 54 VAL n 
1 55 THR n 
1 56 GLU n 
# 
_pdbx_entity_src_syn.entity_id              1 
_pdbx_entity_src_syn.pdbx_src_id            1 
_pdbx_entity_src_syn.pdbx_alt_source_flag   sample 
_pdbx_entity_src_syn.pdbx_beg_seq_num       1 
_pdbx_entity_src_syn.pdbx_end_seq_num       56 
_pdbx_entity_src_syn.organism_scientific    'Streptococcus sp. group G' 
_pdbx_entity_src_syn.organism_common_name   ? 
_pdbx_entity_src_syn.ncbi_taxonomy_id       1320 
_pdbx_entity_src_syn.details                ? 
# 
loop_
_chem_comp.id 
_chem_comp.type 
_chem_comp.mon_nstd_flag 
_chem_comp.name 
_chem_comp.pdbx_synonyms 
_chem_comp.formula 
_chem_comp.formula_weight 
ALA 'L-peptide linking' y ALANINE         ? 'C3 H7 N O2'     89.093  
ASN 'L-peptide linking' y ASPARAGINE      ? 'C4 H8 N2 O3'    132.118 
ASP 'L-peptide linking' y 'ASPARTIC ACID' ? 'C4 H7 N O4'     133.103 
DVA 'D-peptide linking' . D-VALINE        ? 'C5 H11 N O2'    117.146 
GLN 'L-peptide linking' y GLUTAMINE       ? 'C5 H10 N2 O3'   146.144 
GLU 'L-peptide linking' y 'GLUTAMIC ACID' ? 'C5 H9 N O4'     147.129 
GLY 'peptide linking'   y GLYCINE         ? 'C2 H5 N O2'     75.067  
HOH non-polymer         . WATER           ? 'H2 O'           18.015  
ILE 'L-peptide linking' y ISOLEUCINE      ? 'C6 H13 N O2'    131.173 
LEU 'L-peptide linking' y LEUCINE         ? 'C6 H13 N O2'    131.173 
LYS 'L-peptide linking' y LYSINE          ? 'C6 H15 N2 O2 1' 147.195 
PHE 'L-peptide linking' y PHENYLALANINE   ? 'C9 H11 N O2'    165.189 
SER 'L-peptide linking' y SERINE          ? 'C3 H7 N O3'     105.093 
THR 'L-peptide linking' y THREONINE       ? 'C4 H9 N O3'     119.119 
TRP 'L-peptide linking' y TRYPTOPHAN      ? 'C11 H12 N2 O2'  204.225 
TYR 'L-peptide linking' y TYROSINE        ? 'C9 H11 N O3'    181.189 
VAL 'L-peptide linking' y VALINE          ? 'C5 H11 N O2'    117.146 
# 
loop_
_pdbx_poly_seq_scheme.asym_id 
_pdbx_poly_seq_scheme.entity_id 
_pdbx_poly_seq_scheme.seq_id 
_pdbx_poly_seq_scheme.mon_id 
_pdbx_poly_seq_scheme.ndb_seq_num 
_pdbx_poly_seq_scheme.pdb_seq_num 
_pdbx_poly_seq_scheme.auth_seq_num 
_pdbx_poly_seq_scheme.pdb_mon_id 
_pdbx_poly_seq_scheme.auth_mon_id 
_pdbx_poly_seq_scheme.pdb_strand_id 
_pdbx_poly_seq_scheme.pdb_ins_code 
_pdbx_poly_seq_scheme.hetero 
A 1 1  ASP 1  1  1  ASP ASP A . n 
A 1 2  THR 2  2  2  THR THR A . n 
A 1 3  TYR 3  3  3  TYR TYR A . n 
A 1 4  LYS 4  4  4  LYS LYS A . n 
A 1 5  LEU 5  5  5  LEU LEU A . n 
A 1 6  ILE 6  6  6  ILE ILE A . n 
A 1 7  LEU 7  7  7  LEU LEU A . n 
A 1 8  ASN 8  8  8  ASN ASN A . n 
A 1 9  GLY 9  9  9  GLY GLY A . n 
A 1 10 DVA 10 10 10 DVA DVA A . n 
A 1 11 SER 11 11 11 SER SER A . n 
A 1 12 LEU 12 12 12 LEU LEU A . n 
A 1 13 LYS 13 13 13 LYS LYS A . n 
A 1 14 GLY 14 14 14 GLY GLY A . n 
A 1 15 GLU 15 15 15 GLU GLU A . n 
A 1 16 THR 16 16 16 THR THR A . n 
A 1 17 THR 17 17 17 THR THR A . n 
A 1 18 THR 18 18 18 THR THR A . n 
A 1 19 GLU 19 19 19 GLU GLU A . n 
A 1 20 ALA 20 20 20 ALA ALA A . n 
A 1 21 VAL 21 21 21 VAL VAL A . n 
A 1 22 ASP 22 22 22 ASP ASP A . n 
A 1 23 ALA 23 23 23 ALA ALA A . n 
A 1 24 ALA 24 24 24 ALA ALA A . n 
A 1 25 THR 25 25 25 THR THR A . n 
A 1 26 ALA 26 26 26 ALA ALA A . n 
A 1 27 GLU 27 27 27 GLU GLU A . n 
A 1 28 LYS 28 28 28 LYS LYS A . n 
A 1 29 VAL 29 29 29 VAL VAL A . n 
A 1 30 PHE 30 30 30 PHE PHE A . n 
A 1 31 LYS 31 31 31 LYS LYS A . n 
A 1 32 GLN 32 32 32 GLN GLN A . n 
A 1 33 TYR 33 33 33 TYR TYR A . n 
A 1 34 ALA 34 34 34 ALA ALA A . n 
A 1 35 ASN 35 35 35 ASN ASN A . n 
A 1 36 ASP 36 36 36 ASP ASP A . n 
A 1 37 ASN 37 37 37 ASN ASN A . n 
A 1 38 GLY 38 38 38 GLY GLY A . n 
A 1 39 VAL 39 39 39 VAL VAL A . n 
A 1 40 ASP 40 40 40 ASP ASP A . n 
A 1 41 GLY 41 41 41 GLY GLY A . n 
A 1 42 GLU 42 42 42 GLU GLU A . n 
A 1 43 TRP 43 43 43 TRP TRP A . n 
A 1 44 THR 44 44 44 THR THR A . n 
A 1 45 TYR 45 45 45 TYR TYR A . n 
A 1 46 ASP 46 46 46 ASP ASP A . n 
A 1 47 ASP 47 47 47 ASP ASP A . n 
A 1 48 ALA 48 48 48 ALA ALA A . n 
A 1 49 THR 49 49 49 THR THR A . n 
A 1 50 LYS 50 50 50 LYS LYS A . n 
A 1 51 THR 51 51 51 THR THR A . n 
A 1 52 PHE 52 52 52 PHE PHE A . n 
A 1 53 THR 53 53 53 THR THR A . n 
A 1 54 VAL 54 54 54 VAL VAL A . n 
A 1 55 THR 55 55 55 THR THR A . n 
A 1 56 GLU 56 56 56 GLU GLU A . n 
# 
_pdbx_entity_instance_feature.ordinal        1 
_pdbx_entity_instance_feature.comp_id        DVA 
_pdbx_entity_instance_feature.asym_id        ? 
_pdbx_entity_instance_feature.seq_num        ? 
_pdbx_entity_instance_feature.auth_comp_id   DVA 
_pdbx_entity_instance_feature.auth_asym_id   ? 
_pdbx_entity_instance_feature.auth_seq_num   ? 
_pdbx_entity_instance_feature.feature_type   'SUBJECT OF INVESTIGATION' 
_pdbx_entity_instance_feature.details        ? 
# 
loop_
_pdbx_nonpoly_scheme.asym_id 
_pdbx_nonpoly_scheme.entity_id 
_pdbx_nonpoly_scheme.mon_id 
_pdbx_nonpoly_scheme.ndb_seq_num 
_pdbx_nonpoly_scheme.pdb_seq_num 
_pdbx_nonpoly_scheme.auth_seq_num 
_pdbx_nonpoly_scheme.pdb_mon_id 
_pdbx_nonpoly_scheme.auth_mon_id 
_pdbx_nonpoly_scheme.pdb_strand_id 
_pdbx_nonpoly_scheme.pdb_ins_code 
B 2 HOH 1  101 15 HOH HOH A . 
B 2 HOH 2  102 8  HOH HOH A . 
B 2 HOH 3  103 17 HOH HOH A . 
B 2 HOH 4  104 3  HOH HOH A . 
B 2 HOH 5  105 10 HOH HOH A . 
B 2 HOH 6  106 2  HOH HOH A . 
B 2 HOH 7  107 7  HOH HOH A . 
B 2 HOH 8  108 5  HOH HOH A . 
B 2 HOH 9  109 1  HOH HOH A . 
B 2 HOH 10 110 9  HOH HOH A . 
B 2 HOH 11 111 6  HOH HOH A . 
B 2 HOH 12 112 11 HOH HOH A . 
B 2 HOH 13 113 12 HOH HOH A . 
B 2 HOH 14 114 14 HOH HOH A . 
B 2 HOH 15 115 16 HOH HOH A . 
B 2 HOH 16 116 19 HOH HOH A . 
B 2 HOH 17 117 18 HOH HOH A . 
B 2 HOH 18 118 13 HOH HOH A . 
# 
loop_
_software.citation_id 
_software.classification 
_software.compiler_name 
_software.compiler_version 
_software.contact_author 
_software.contact_author_email 
_software.date 
_software.description 
_software.dependencies 
_software.hardware 
_software.language 
_software.location 
_software.mods 
_software.name 
_software.os 
_software.os_version 
_software.type 
_software.version 
_software.pdbx_ordinal 
? 'data scaling'    ? ? ? ? ? ? ? ? ? ? ? Aimless     ? ? ? 0.5.21      1 
? refinement        ? ? ? ? ? ? ? ? ? ? ? PHENIX      ? ? ? 1.10.1_2155 2 
? 'data extraction' ? ? ? ? ? ? ? ? ? ? ? PDB_EXTRACT ? ? ? 3.25        3 
? 'data reduction'  ? ? ? ? ? ? ? ? ? ? ? HKL-3000    ? ? ? .           4 
? phasing           ? ? ? ? ? ? ? ? ? ? ? PHASER      ? ? ? .           5 
# 
_cell.angle_alpha                  90.000 
_cell.angle_alpha_esd              ? 
_cell.angle_beta                   90.000 
_cell.angle_beta_esd               ? 
_cell.angle_gamma                  120.000 
_cell.angle_gamma_esd              ? 
_cell.entry_id                     6L9D 
_cell.details                      ? 
_cell.formula_units_Z              ? 
_cell.length_a                     43.569 
_cell.length_a_esd                 ? 
_cell.length_b                     43.569 
_cell.length_b_esd                 ? 
_cell.length_c                     48.158 
_cell.length_c_esd                 ? 
_cell.volume                       ? 
_cell.volume_esd                   ? 
_cell.Z_PDB                        6 
_cell.reciprocal_angle_alpha       ? 
_cell.reciprocal_angle_beta        ? 
_cell.reciprocal_angle_gamma       ? 
_cell.reciprocal_angle_alpha_esd   ? 
_cell.reciprocal_angle_beta_esd    ? 
_cell.reciprocal_angle_gamma_esd   ? 
_cell.reciprocal_length_a          ? 
_cell.reciprocal_length_b          ? 
_cell.reciprocal_length_c          ? 
_cell.reciprocal_length_a_esd      ? 
_cell.reciprocal_length_b_esd      ? 
_cell.reciprocal_length_c_esd      ? 
_cell.pdbx_unique_axis             ? 
# 
_symmetry.entry_id                         6L9D 
_symmetry.cell_setting                     ? 
_symmetry.Int_Tables_number                154 
_symmetry.space_group_name_Hall            ? 
_symmetry.space_group_name_H-M             'P 32 2 1' 
_symmetry.pdbx_full_space_group_name_H-M   ? 
# 
_exptl.absorpt_coefficient_mu     ? 
_exptl.absorpt_correction_T_max   ? 
_exptl.absorpt_correction_T_min   ? 
_exptl.absorpt_correction_type    ? 
_exptl.absorpt_process_details    ? 
_exptl.entry_id                   6L9D 
_exptl.crystals_number            1 
_exptl.details                    ? 
_exptl.method                     'X-RAY DIFFRACTION' 
_exptl.method_details             ? 
# 
_exptl_crystal.colour                      ? 
_exptl_crystal.density_diffrn              ? 
_exptl_crystal.density_Matthews            2.15 
_exptl_crystal.density_method              ? 
_exptl_crystal.density_percent_sol         42.75 
_exptl_crystal.description                 'flat rod like crystals' 
_exptl_crystal.F_000                       ? 
_exptl_crystal.id                          1 
_exptl_crystal.preparation                 ? 
_exptl_crystal.size_max                    ? 
_exptl_crystal.size_mid                    ? 
_exptl_crystal.size_min                    ? 
_exptl_crystal.size_rad                    ? 
_exptl_crystal.colour_lustre               ? 
_exptl_crystal.colour_modifier             ? 
_exptl_crystal.colour_primary              ? 
_exptl_crystal.density_meas                ? 
_exptl_crystal.density_meas_esd            ? 
_exptl_crystal.density_meas_gt             ? 
_exptl_crystal.density_meas_lt             ? 
_exptl_crystal.density_meas_temp           ? 
_exptl_crystal.density_meas_temp_esd       ? 
_exptl_crystal.density_meas_temp_gt        ? 
_exptl_crystal.density_meas_temp_lt        ? 
_exptl_crystal.pdbx_crystal_image_url      ? 
_exptl_crystal.pdbx_crystal_image_format   ? 
_exptl_crystal.pdbx_mosaicity              ? 
_exptl_crystal.pdbx_mosaicity_esd          ? 
# 
_exptl_crystal_grow.apparatus       ? 
_exptl_crystal_grow.atmosphere      ? 
_exptl_crystal_grow.crystal_id      1 
_exptl_crystal_grow.details         ? 
_exptl_crystal_grow.method          'VAPOR DIFFUSION, HANGING DROP' 
_exptl_crystal_grow.method_ref      ? 
_exptl_crystal_grow.pH              6 
_exptl_crystal_grow.pressure        ? 
_exptl_crystal_grow.pressure_esd    ? 
_exptl_crystal_grow.seeding         ? 
_exptl_crystal_grow.seeding_ref     ? 
_exptl_crystal_grow.temp            293 
_exptl_crystal_grow.temp_details    ? 
_exptl_crystal_grow.temp_esd        ? 
_exptl_crystal_grow.time            ? 
_exptl_crystal_grow.pdbx_details    '0.1M Sodium Cacodylate (pH 6), 20% PEG 4000' 
_exptl_crystal_grow.pdbx_pH_range   ? 
# 
_diffrn.ambient_environment              ? 
_diffrn.ambient_temp                     100 
_diffrn.ambient_temp_details             ? 
_diffrn.ambient_temp_esd                 ? 
_diffrn.crystal_id                       1 
_diffrn.crystal_support                  ? 
_diffrn.crystal_treatment                ? 
_diffrn.details                          ? 
_diffrn.id                               1 
_diffrn.ambient_pressure                 ? 
_diffrn.ambient_pressure_esd             ? 
_diffrn.ambient_pressure_gt              ? 
_diffrn.ambient_pressure_lt              ? 
_diffrn.ambient_temp_gt                  ? 
_diffrn.ambient_temp_lt                  ? 
_diffrn.pdbx_serial_crystal_experiment   N 
# 
_diffrn_detector.details                      ? 
_diffrn_detector.detector                     'IMAGE PLATE' 
_diffrn_detector.diffrn_id                    1 
_diffrn_detector.type                         'RIGAKU RAXIS IV++' 
_diffrn_detector.area_resol_mean              ? 
_diffrn_detector.dtime                        ? 
_diffrn_detector.pdbx_frames_total            ? 
_diffrn_detector.pdbx_collection_time_total   ? 
_diffrn_detector.pdbx_collection_date         2019-07-24 
_diffrn_detector.pdbx_frequency               ? 
# 
_diffrn_radiation.collimation                      ? 
_diffrn_radiation.diffrn_id                        1 
_diffrn_radiation.filter_edge                      ? 
_diffrn_radiation.inhomogeneity                    ? 
_diffrn_radiation.monochromator                    ? 
_diffrn_radiation.polarisn_norm                    ? 
_diffrn_radiation.polarisn_ratio                   ? 
_diffrn_radiation.probe                            ? 
_diffrn_radiation.type                             ? 
_diffrn_radiation.xray_symbol                      ? 
_diffrn_radiation.wavelength_id                    1 
_diffrn_radiation.pdbx_monochromatic_or_laue_m_l   M 
_diffrn_radiation.pdbx_wavelength_list             ? 
_diffrn_radiation.pdbx_wavelength                  ? 
_diffrn_radiation.pdbx_diffrn_protocol             'SINGLE WAVELENGTH' 
_diffrn_radiation.pdbx_analyzer                    ? 
_diffrn_radiation.pdbx_scattering_type             x-ray 
# 
_diffrn_radiation_wavelength.id           1 
_diffrn_radiation_wavelength.wavelength   1.5418 
_diffrn_radiation_wavelength.wt           1.0 
# 
_diffrn_source.current                     ? 
_diffrn_source.details                     ? 
_diffrn_source.diffrn_id                   1 
_diffrn_source.power                       ? 
_diffrn_source.size                        ? 
_diffrn_source.source                      'ROTATING ANODE' 
_diffrn_source.target                      ? 
_diffrn_source.type                        'RIGAKU FR-E SUPERBRIGHT' 
_diffrn_source.voltage                     ? 
_diffrn_source.take-off_angle              ? 
_diffrn_source.pdbx_wavelength_list        1.5418 
_diffrn_source.pdbx_wavelength             ? 
_diffrn_source.pdbx_synchrotron_beamline   ? 
_diffrn_source.pdbx_synchrotron_site       ? 
# 
_reflns.B_iso_Wilson_estimate            19.230 
_reflns.entry_id                         6L9D 
_reflns.data_reduction_details           ? 
_reflns.data_reduction_method            ? 
_reflns.d_resolution_high                1.730 
_reflns.d_resolution_low                 37.730 
_reflns.details                          ? 
_reflns.limit_h_max                      ? 
_reflns.limit_h_min                      ? 
_reflns.limit_k_max                      ? 
_reflns.limit_k_min                      ? 
_reflns.limit_l_max                      ? 
_reflns.limit_l_min                      ? 
_reflns.number_all                       ? 
_reflns.number_obs                       5814 
_reflns.observed_criterion               ? 
_reflns.observed_criterion_F_max         ? 
_reflns.observed_criterion_F_min         ? 
_reflns.observed_criterion_I_max         ? 
_reflns.observed_criterion_I_min         ? 
_reflns.observed_criterion_sigma_F       ? 
_reflns.observed_criterion_sigma_I       ? 
_reflns.percent_possible_obs             99.700 
_reflns.R_free_details                   ? 
_reflns.Rmerge_F_all                     ? 
_reflns.Rmerge_F_obs                     ? 
_reflns.Friedel_coverage                 ? 
_reflns.number_gt                        ? 
_reflns.threshold_expression             ? 
_reflns.pdbx_redundancy                  16.100 
_reflns.pdbx_Rmerge_I_obs                0.045 
_reflns.pdbx_Rmerge_I_all                ? 
_reflns.pdbx_Rsym_value                  ? 
_reflns.pdbx_netI_over_av_sigmaI         ? 
_reflns.pdbx_netI_over_sigmaI            39.500 
_reflns.pdbx_res_netI_over_av_sigmaI_2   ? 
_reflns.pdbx_res_netI_over_sigmaI_2      ? 
_reflns.pdbx_chi_squared                 ? 
_reflns.pdbx_scaling_rejects             3 
_reflns.pdbx_d_res_high_opt              ? 
_reflns.pdbx_d_res_low_opt               ? 
_reflns.pdbx_d_res_opt_method            ? 
_reflns.phase_calculation_details        ? 
_reflns.pdbx_Rrim_I_all                  0.046 
_reflns.pdbx_Rpim_I_all                  0.011 
_reflns.pdbx_d_opt                       ? 
_reflns.pdbx_number_measured_all         93326 
_reflns.pdbx_diffrn_id                   1 
_reflns.pdbx_ordinal                     1 
_reflns.pdbx_CC_half                     1.000 
_reflns.pdbx_CC_star                     ? 
_reflns.pdbx_R_split                     ? 
# 
loop_
_reflns_shell.d_res_high 
_reflns_shell.d_res_low 
_reflns_shell.meanI_over_sigI_all 
_reflns_shell.meanI_over_sigI_obs 
_reflns_shell.number_measured_all 
_reflns_shell.number_measured_obs 
_reflns_shell.number_possible 
_reflns_shell.number_unique_all 
_reflns_shell.number_unique_obs 
_reflns_shell.percent_possible_all 
_reflns_shell.percent_possible_obs 
_reflns_shell.Rmerge_F_all 
_reflns_shell.Rmerge_F_obs 
_reflns_shell.Rmerge_I_all 
_reflns_shell.Rmerge_I_obs 
_reflns_shell.meanI_over_sigI_gt 
_reflns_shell.meanI_over_uI_all 
_reflns_shell.meanI_over_uI_gt 
_reflns_shell.number_measured_gt 
_reflns_shell.number_unique_gt 
_reflns_shell.percent_possible_gt 
_reflns_shell.Rmerge_F_gt 
_reflns_shell.Rmerge_I_gt 
_reflns_shell.pdbx_redundancy 
_reflns_shell.pdbx_Rsym_value 
_reflns_shell.pdbx_chi_squared 
_reflns_shell.pdbx_netI_over_sigmaI_all 
_reflns_shell.pdbx_netI_over_sigmaI_obs 
_reflns_shell.pdbx_Rrim_I_all 
_reflns_shell.pdbx_Rpim_I_all 
_reflns_shell.pdbx_rejects 
_reflns_shell.pdbx_ordinal 
_reflns_shell.pdbx_diffrn_id 
_reflns_shell.pdbx_CC_half 
_reflns_shell.pdbx_CC_star 
_reflns_shell.pdbx_R_split 
1.730 1.760  ? ? 3221 ? ? ? 296 95.100 ? ? ? ? 0.333 ? ? ? ? ? ? ? ? 10.900 ? ? ? 5.500  0.350 0.103 ? 1 1 0.976 ? ? 
8.990 37.730 ? ? 648  ? ? ? 57  99.600 ? ? ? ? 0.028 ? ? ? ? ? ? ? ? 11.400 ? ? ? 67.100 0.030 0.008 ? 2 1 0.999 ? ? 
# 
_refine.aniso_B[1][1]                            ? 
_refine.aniso_B[1][2]                            ? 
_refine.aniso_B[1][3]                            ? 
_refine.aniso_B[2][2]                            ? 
_refine.aniso_B[2][3]                            ? 
_refine.aniso_B[3][3]                            ? 
_refine.B_iso_max                                56.180 
_refine.B_iso_mean                               22.4269 
_refine.B_iso_min                                8.850 
_refine.correlation_coeff_Fo_to_Fc               ? 
_refine.correlation_coeff_Fo_to_Fc_free          ? 
_refine.details                                  ? 
_refine.diff_density_max                         ? 
_refine.diff_density_max_esd                     ? 
_refine.diff_density_min                         ? 
_refine.diff_density_min_esd                     ? 
_refine.diff_density_rms                         ? 
_refine.diff_density_rms_esd                     ? 
_refine.entry_id                                 6L9D 
_refine.pdbx_refine_id                           'X-RAY DIFFRACTION' 
_refine.ls_abs_structure_details                 ? 
_refine.ls_abs_structure_Flack                   ? 
_refine.ls_abs_structure_Flack_esd               ? 
_refine.ls_abs_structure_Rogers                  ? 
_refine.ls_abs_structure_Rogers_esd              ? 
_refine.ls_d_res_high                            1.7300 
_refine.ls_d_res_low                             20.2980 
_refine.ls_extinction_coef                       ? 
_refine.ls_extinction_coef_esd                   ? 
_refine.ls_extinction_expression                 ? 
_refine.ls_extinction_method                     ? 
_refine.ls_goodness_of_fit_all                   ? 
_refine.ls_goodness_of_fit_all_esd               ? 
_refine.ls_goodness_of_fit_obs                   ? 
_refine.ls_goodness_of_fit_obs_esd               ? 
_refine.ls_hydrogen_treatment                    ? 
_refine.ls_matrix_type                           ? 
_refine.ls_number_constraints                    ? 
_refine.ls_number_parameters                     ? 
_refine.ls_number_reflns_all                     ? 
_refine.ls_number_reflns_obs                     5773 
_refine.ls_number_reflns_R_free                  236 
_refine.ls_number_reflns_R_work                  ? 
_refine.ls_number_restraints                     ? 
_refine.ls_percent_reflns_obs                    99.4000 
_refine.ls_percent_reflns_R_free                 4.0900 
_refine.ls_R_factor_all                          ? 
_refine.ls_R_factor_obs                          0.2202 
_refine.ls_R_factor_R_free                       0.2427 
_refine.ls_R_factor_R_free_error                 ? 
_refine.ls_R_factor_R_free_error_details         ? 
_refine.ls_R_factor_R_work                       0.2190 
_refine.ls_R_Fsqd_factor_obs                     ? 
_refine.ls_R_I_factor_obs                        ? 
_refine.ls_redundancy_reflns_all                 ? 
_refine.ls_redundancy_reflns_obs                 ? 
_refine.ls_restrained_S_all                      ? 
_refine.ls_restrained_S_obs                      ? 
_refine.ls_shift_over_esd_max                    ? 
_refine.ls_shift_over_esd_mean                   ? 
_refine.ls_structure_factor_coef                 ? 
_refine.ls_weighting_details                     ? 
_refine.ls_weighting_scheme                      ? 
_refine.ls_wR_factor_all                         ? 
_refine.ls_wR_factor_obs                         ? 
_refine.ls_wR_factor_R_free                      ? 
_refine.ls_wR_factor_R_work                      ? 
_refine.occupancy_max                            ? 
_refine.occupancy_min                            ? 
_refine.solvent_model_details                    ? 
_refine.solvent_model_param_bsol                 ? 
_refine.solvent_model_param_ksol                 ? 
_refine.pdbx_R_complete                          ? 
_refine.ls_R_factor_gt                           ? 
_refine.ls_goodness_of_fit_gt                    ? 
_refine.ls_goodness_of_fit_ref                   ? 
_refine.ls_shift_over_su_max                     ? 
_refine.ls_shift_over_su_max_lt                  ? 
_refine.ls_shift_over_su_mean                    ? 
_refine.ls_shift_over_su_mean_lt                 ? 
_refine.pdbx_ls_sigma_I                          ? 
_refine.pdbx_ls_sigma_F                          1.340 
_refine.pdbx_ls_sigma_Fsqd                       ? 
_refine.pdbx_data_cutoff_high_absF               ? 
_refine.pdbx_data_cutoff_high_rms_absF           ? 
_refine.pdbx_data_cutoff_low_absF                ? 
_refine.pdbx_isotropic_thermal_model             ? 
_refine.pdbx_ls_cross_valid_method               THROUGHOUT 
_refine.pdbx_method_to_determine_struct          'MOLECULAR REPLACEMENT' 
_refine.pdbx_starting_model                      2QMT 
_refine.pdbx_stereochemistry_target_values       ? 
_refine.pdbx_R_Free_selection_details            ? 
_refine.pdbx_stereochem_target_val_spec_case     ? 
_refine.pdbx_overall_ESU_R                       ? 
_refine.pdbx_overall_ESU_R_Free                  ? 
_refine.pdbx_solvent_vdw_probe_radii             1.1100 
_refine.pdbx_solvent_ion_probe_radii             ? 
_refine.pdbx_solvent_shrinkage_radii             0.9000 
_refine.pdbx_real_space_R                        ? 
_refine.pdbx_density_correlation                 ? 
_refine.pdbx_pd_number_of_powder_patterns        ? 
_refine.pdbx_pd_number_of_points                 ? 
_refine.pdbx_pd_meas_number_of_points            ? 
_refine.pdbx_pd_proc_ls_prof_R_factor            ? 
_refine.pdbx_pd_proc_ls_prof_wR_factor           ? 
_refine.pdbx_pd_Marquardt_correlation_coeff      ? 
_refine.pdbx_pd_Fsqrd_R_factor                   ? 
_refine.pdbx_pd_ls_matrix_band_width             ? 
_refine.pdbx_overall_phase_error                 19.8400 
_refine.pdbx_overall_SU_R_free_Cruickshank_DPI   ? 
_refine.pdbx_overall_SU_R_free_Blow_DPI          ? 
_refine.pdbx_overall_SU_R_Blow_DPI               ? 
_refine.pdbx_TLS_residual_ADP_flag               ? 
_refine.pdbx_diffrn_id                           1 
_refine.overall_SU_B                             ? 
_refine.overall_SU_ML                            0.1200 
_refine.overall_SU_R_Cruickshank_DPI             ? 
_refine.overall_SU_R_free                        ? 
_refine.overall_FOM_free_R_set                   ? 
_refine.overall_FOM_work_R_set                   ? 
_refine.pdbx_average_fsc_overall                 ? 
_refine.pdbx_average_fsc_work                    ? 
_refine.pdbx_average_fsc_free                    ? 
# 
_refine_hist.pdbx_refine_id                   'X-RAY DIFFRACTION' 
_refine_hist.cycle_id                         final 
_refine_hist.details                          ? 
_refine_hist.d_res_high                       1.7300 
_refine_hist.d_res_low                        20.2980 
_refine_hist.number_atoms_solvent             18 
_refine_hist.number_atoms_total               451 
_refine_hist.number_reflns_all                ? 
_refine_hist.number_reflns_obs                ? 
_refine_hist.number_reflns_R_free             ? 
_refine_hist.number_reflns_R_work             ? 
_refine_hist.R_factor_all                     ? 
_refine_hist.R_factor_obs                     ? 
_refine_hist.R_factor_R_free                  ? 
_refine_hist.R_factor_R_work                  ? 
_refine_hist.pdbx_number_residues_total       56 
_refine_hist.pdbx_B_iso_mean_ligand           ? 
_refine_hist.pdbx_B_iso_mean_solvent          28.36 
_refine_hist.pdbx_number_atoms_protein        433 
_refine_hist.pdbx_number_atoms_nucleic_acid   0 
_refine_hist.pdbx_number_atoms_ligand         0 
_refine_hist.pdbx_number_atoms_lipid          ? 
_refine_hist.pdbx_number_atoms_carb           ? 
_refine_hist.pdbx_pseudo_atom_details         ? 
# 
loop_
_refine_ls_restr.pdbx_refine_id 
_refine_ls_restr.criterion 
_refine_ls_restr.dev_ideal 
_refine_ls_restr.dev_ideal_target 
_refine_ls_restr.number 
_refine_ls_restr.rejects 
_refine_ls_restr.type 
_refine_ls_restr.weight 
_refine_ls_restr.pdbx_restraint_function 
'X-RAY DIFFRACTION' ? 0.007  ? 439 ? f_bond_d           ? ? 
'X-RAY DIFFRACTION' ? 0.856  ? 598 ? f_angle_d          ? ? 
'X-RAY DIFFRACTION' ? 0.050  ? 71  ? f_chiral_restr     ? ? 
'X-RAY DIFFRACTION' ? 0.004  ? 77  ? f_plane_restr      ? ? 
'X-RAY DIFFRACTION' ? 14.442 ? 253 ? f_dihedral_angle_d ? ? 
# 
loop_
_refine_ls_shell.pdbx_refine_id 
_refine_ls_shell.d_res_high 
_refine_ls_shell.d_res_low 
_refine_ls_shell.number_reflns_all 
_refine_ls_shell.number_reflns_obs 
_refine_ls_shell.number_reflns_R_free 
_refine_ls_shell.number_reflns_R_work 
_refine_ls_shell.percent_reflns_obs 
_refine_ls_shell.percent_reflns_R_free 
_refine_ls_shell.R_factor_all 
_refine_ls_shell.R_factor_obs 
_refine_ls_shell.R_factor_R_free 
_refine_ls_shell.R_factor_R_free_error 
_refine_ls_shell.R_factor_R_work 
_refine_ls_shell.redundancy_reflns_all 
_refine_ls_shell.redundancy_reflns_obs 
_refine_ls_shell.wR_factor_all 
_refine_ls_shell.wR_factor_obs 
_refine_ls_shell.wR_factor_R_free 
_refine_ls_shell.wR_factor_R_work 
_refine_ls_shell.pdbx_R_complete 
_refine_ls_shell.pdbx_total_number_of_bins_used 
_refine_ls_shell.pdbx_phase_error 
_refine_ls_shell.pdbx_fsc_work 
_refine_ls_shell.pdbx_fsc_free 
'X-RAY DIFFRACTION' 1.7303 1.8409  . . 108 2716 99.0000  . . . 0.2999 0.0000 0.2300 . . . . . . . . . . . 
'X-RAY DIFFRACTION' 2.1796 20.2980 . . 128 2821 100.0000 . . . 0.2261 0.0000 0.2153 . . . . . . . . . . . 
# 
_struct.entry_id                     6L9D 
_struct.title                        'X-ray structure of synthetic GB1 domain with mutations K10(DVA), T11S' 
_struct.pdbx_model_details           ? 
_struct.pdbx_formula_weight          ? 
_struct.pdbx_formula_weight_method   ? 
_struct.pdbx_model_type_details      ? 
_struct.pdbx_CASP_flag               N 
# 
_struct_keywords.entry_id        6L9D 
_struct_keywords.text            'Synthetic GB1 domain variant, D-aminoacid substitution, IMMUNE SYSTEM' 
_struct_keywords.pdbx_keywords   'IMMUNE SYSTEM' 
# 
loop_
_struct_asym.id 
_struct_asym.pdbx_blank_PDB_chainid_flag 
_struct_asym.pdbx_modified 
_struct_asym.entity_id 
_struct_asym.details 
A N N 1 ? 
B N N 2 ? 
# 
_struct_ref.id                         1 
_struct_ref.db_name                    UNP 
_struct_ref.db_code                    SPG1_STRSG 
_struct_ref.pdbx_db_accession          P06654 
_struct_ref.pdbx_db_isoform            ? 
_struct_ref.entity_id                  1 
_struct_ref.pdbx_seq_one_letter_code   DTYKLILNGKTLKGETTTEAVDAATAEKVFKQYANDNGVDGEWTYDDATKTFTVTE 
_struct_ref.pdbx_align_begin           227 
# 
_struct_ref_seq.align_id                      1 
_struct_ref_seq.ref_id                        1 
_struct_ref_seq.pdbx_PDB_id_code              6L9D 
_struct_ref_seq.pdbx_strand_id                A 
_struct_ref_seq.seq_align_beg                 1 
_struct_ref_seq.pdbx_seq_align_beg_ins_code   ? 
_struct_ref_seq.seq_align_end                 56 
_struct_ref_seq.pdbx_seq_align_end_ins_code   ? 
_struct_ref_seq.pdbx_db_accession             P06654 
_struct_ref_seq.db_align_beg                  227 
_struct_ref_seq.pdbx_db_align_beg_ins_code    ? 
_struct_ref_seq.db_align_end                  282 
_struct_ref_seq.pdbx_db_align_end_ins_code    ? 
_struct_ref_seq.pdbx_auth_seq_align_beg       1 
_struct_ref_seq.pdbx_auth_seq_align_end       56 
# 
loop_
_struct_ref_seq_dif.align_id 
_struct_ref_seq_dif.pdbx_pdb_id_code 
_struct_ref_seq_dif.mon_id 
_struct_ref_seq_dif.pdbx_pdb_strand_id 
_struct_ref_seq_dif.seq_num 
_struct_ref_seq_dif.pdbx_pdb_ins_code 
_struct_ref_seq_dif.pdbx_seq_db_name 
_struct_ref_seq_dif.pdbx_seq_db_accession_code 
_struct_ref_seq_dif.db_mon_id 
_struct_ref_seq_dif.pdbx_seq_db_seq_num 
_struct_ref_seq_dif.details 
_struct_ref_seq_dif.pdbx_auth_seq_num 
_struct_ref_seq_dif.pdbx_ordinal 
1 6L9D DVA A 10 ? UNP P06654 LYS 236 'engineered mutation' 10 1 
1 6L9D SER A 11 ? UNP P06654 THR 237 'engineered mutation' 11 2 
# 
_pdbx_struct_assembly.id                   1 
_pdbx_struct_assembly.details              author_and_software_defined_assembly 
_pdbx_struct_assembly.method_details       PISA 
_pdbx_struct_assembly.oligomeric_details   monomeric 
_pdbx_struct_assembly.oligomeric_count     1 
# 
loop_
_pdbx_struct_assembly_prop.biol_id 
_pdbx_struct_assembly_prop.type 
_pdbx_struct_assembly_prop.value 
_pdbx_struct_assembly_prop.details 
1 'ABSA (A^2)' 0    ? 
1 MORE         0    ? 
1 'SSA (A^2)'  3590 ? 
# 
_pdbx_struct_assembly_gen.assembly_id       1 
_pdbx_struct_assembly_gen.oper_expression   1 
_pdbx_struct_assembly_gen.asym_id_list      A,B 
# 
_pdbx_struct_assembly_auth_evidence.id                     1 
_pdbx_struct_assembly_auth_evidence.assembly_id            1 
_pdbx_struct_assembly_auth_evidence.experimental_support   none 
_pdbx_struct_assembly_auth_evidence.details                ? 
# 
_pdbx_struct_oper_list.id                   1 
_pdbx_struct_oper_list.type                 'identity operation' 
_pdbx_struct_oper_list.name                 1_555 
_pdbx_struct_oper_list.symmetry_operation   x,y,z 
_pdbx_struct_oper_list.matrix[1][1]         1.0000000000 
_pdbx_struct_oper_list.matrix[1][2]         0.0000000000 
_pdbx_struct_oper_list.matrix[1][3]         0.0000000000 
_pdbx_struct_oper_list.vector[1]            0.0000000000 
_pdbx_struct_oper_list.matrix[2][1]         0.0000000000 
_pdbx_struct_oper_list.matrix[2][2]         1.0000000000 
_pdbx_struct_oper_list.matrix[2][3]         0.0000000000 
_pdbx_struct_oper_list.vector[2]            0.0000000000 
_pdbx_struct_oper_list.matrix[3][1]         0.0000000000 
_pdbx_struct_oper_list.matrix[3][2]         0.0000000000 
_pdbx_struct_oper_list.matrix[3][3]         1.0000000000 
_pdbx_struct_oper_list.vector[3]            0.0000000000 
# 
_struct_conf.conf_type_id            HELX_P 
_struct_conf.id                      HELX_P1 
_struct_conf.pdbx_PDB_helix_id       AA1 
_struct_conf.beg_label_comp_id       ASP 
_struct_conf.beg_label_asym_id       A 
_struct_conf.beg_label_seq_id        22 
_struct_conf.pdbx_beg_PDB_ins_code   ? 
_struct_conf.end_label_comp_id       ASN 
_struct_conf.end_label_asym_id       A 
_struct_conf.end_label_seq_id        37 
_struct_conf.pdbx_end_PDB_ins_code   ? 
_struct_conf.beg_auth_comp_id        ASP 
_struct_conf.beg_auth_asym_id        A 
_struct_conf.beg_auth_seq_id         22 
_struct_conf.end_auth_comp_id        ASN 
_struct_conf.end_auth_asym_id        A 
_struct_conf.end_auth_seq_id         37 
_struct_conf.pdbx_PDB_helix_class    1 
_struct_conf.details                 ? 
_struct_conf.pdbx_PDB_helix_length   16 
# 
_struct_conf_type.id          HELX_P 
_struct_conf_type.criteria    ? 
_struct_conf_type.reference   ? 
# 
loop_
_struct_conn.id 
_struct_conn.conn_type_id 
_struct_conn.pdbx_leaving_atom_flag 
_struct_conn.pdbx_PDB_id 
_struct_conn.ptnr1_label_asym_id 
_struct_conn.ptnr1_label_comp_id 
_struct_conn.ptnr1_label_seq_id 
_struct_conn.ptnr1_label_atom_id 
_struct_conn.pdbx_ptnr1_label_alt_id 
_struct_conn.pdbx_ptnr1_PDB_ins_code 
_struct_conn.pdbx_ptnr1_standard_comp_id 
_struct_conn.ptnr1_symmetry 
_struct_conn.ptnr2_label_asym_id 
_struct_conn.ptnr2_label_comp_id 
_struct_conn.ptnr2_label_seq_id 
_struct_conn.ptnr2_label_atom_id 
_struct_conn.pdbx_ptnr2_label_alt_id 
_struct_conn.pdbx_ptnr2_PDB_ins_code 
_struct_conn.ptnr1_auth_asym_id 
_struct_conn.ptnr1_auth_comp_id 
_struct_conn.ptnr1_auth_seq_id 
_struct_conn.ptnr2_auth_asym_id 
_struct_conn.ptnr2_auth_comp_id 
_struct_conn.ptnr2_auth_seq_id 
_struct_conn.ptnr2_symmetry 
_struct_conn.pdbx_ptnr3_label_atom_id 
_struct_conn.pdbx_ptnr3_label_seq_id 
_struct_conn.pdbx_ptnr3_label_comp_id 
_struct_conn.pdbx_ptnr3_label_asym_id 
_struct_conn.pdbx_ptnr3_label_alt_id 
_struct_conn.pdbx_ptnr3_PDB_ins_code 
_struct_conn.details 
_struct_conn.pdbx_dist_value 
_struct_conn.pdbx_value_order 
_struct_conn.pdbx_role 
covale1 covale both ? A GLY 9  C ? ? ? 1_555 A DVA 10 N ? ? A GLY 9  A DVA 10 1_555 ? ? ? ? ? ? ? 1.328 ? ? 
covale2 covale both ? A DVA 10 C ? ? ? 1_555 A SER 11 N ? ? A DVA 10 A SER 11 1_555 ? ? ? ? ? ? ? 1.331 ? ? 
# 
_struct_conn_type.id          covale 
_struct_conn_type.criteria    ? 
_struct_conn_type.reference   ? 
# 
_struct_sheet.id               AA1 
_struct_sheet.type             ? 
_struct_sheet.number_strands   4 
_struct_sheet.details          ? 
# 
loop_
_struct_sheet_order.sheet_id 
_struct_sheet_order.range_id_1 
_struct_sheet_order.range_id_2 
_struct_sheet_order.offset 
_struct_sheet_order.sense 
AA1 1 2 ? anti-parallel 
AA1 2 3 ? parallel      
AA1 3 4 ? anti-parallel 
# 
loop_
_struct_sheet_range.sheet_id 
_struct_sheet_range.id 
_struct_sheet_range.beg_label_comp_id 
_struct_sheet_range.beg_label_asym_id 
_struct_sheet_range.beg_label_seq_id 
_struct_sheet_range.pdbx_beg_PDB_ins_code 
_struct_sheet_range.end_label_comp_id 
_struct_sheet_range.end_label_asym_id 
_struct_sheet_range.end_label_seq_id 
_struct_sheet_range.pdbx_end_PDB_ins_code 
_struct_sheet_range.beg_auth_comp_id 
_struct_sheet_range.beg_auth_asym_id 
_struct_sheet_range.beg_auth_seq_id 
_struct_sheet_range.end_auth_comp_id 
_struct_sheet_range.end_auth_asym_id 
_struct_sheet_range.end_auth_seq_id 
AA1 1 LYS A 13 ? GLU A 19 ? LYS A 13 GLU A 19 
AA1 2 THR A 2  ? ASN A 8  ? THR A 2  ASN A 8  
AA1 3 THR A 51 ? THR A 55 ? THR A 51 THR A 55 
AA1 4 GLU A 42 ? ASP A 46 ? GLU A 42 ASP A 46 
# 
loop_
_pdbx_struct_sheet_hbond.sheet_id 
_pdbx_struct_sheet_hbond.range_id_1 
_pdbx_struct_sheet_hbond.range_id_2 
_pdbx_struct_sheet_hbond.range_1_label_atom_id 
_pdbx_struct_sheet_hbond.range_1_label_comp_id 
_pdbx_struct_sheet_hbond.range_1_label_asym_id 
_pdbx_struct_sheet_hbond.range_1_label_seq_id 
_pdbx_struct_sheet_hbond.range_1_PDB_ins_code 
_pdbx_struct_sheet_hbond.range_1_auth_atom_id 
_pdbx_struct_sheet_hbond.range_1_auth_comp_id 
_pdbx_struct_sheet_hbond.range_1_auth_asym_id 
_pdbx_struct_sheet_hbond.range_1_auth_seq_id 
_pdbx_struct_sheet_hbond.range_2_label_atom_id 
_pdbx_struct_sheet_hbond.range_2_label_comp_id 
_pdbx_struct_sheet_hbond.range_2_label_asym_id 
_pdbx_struct_sheet_hbond.range_2_label_seq_id 
_pdbx_struct_sheet_hbond.range_2_PDB_ins_code 
_pdbx_struct_sheet_hbond.range_2_auth_atom_id 
_pdbx_struct_sheet_hbond.range_2_auth_comp_id 
_pdbx_struct_sheet_hbond.range_2_auth_asym_id 
_pdbx_struct_sheet_hbond.range_2_auth_seq_id 
AA1 1 2 O GLY A 14 ? O GLY A 14 N LEU A 7  ? N LEU A 7  
AA1 2 3 N LYS A 4  ? N LYS A 4  O PHE A 52 ? O PHE A 52 
AA1 3 4 O THR A 55 ? O THR A 55 N GLU A 42 ? N GLU A 42 
# 
_pdbx_entry_details.entry_id                   6L9D 
_pdbx_entry_details.has_ligand_of_interest     Y 
_pdbx_entry_details.compound_details           ? 
_pdbx_entry_details.source_details             ? 
_pdbx_entry_details.nonpolymer_details         ? 
_pdbx_entry_details.sequence_details           ? 
_pdbx_entry_details.has_protein_modification   N 
# 
_pdbx_struct_special_symmetry.id              1 
_pdbx_struct_special_symmetry.PDB_model_num   1 
_pdbx_struct_special_symmetry.auth_asym_id    A 
_pdbx_struct_special_symmetry.auth_comp_id    HOH 
_pdbx_struct_special_symmetry.auth_seq_id     116 
_pdbx_struct_special_symmetry.PDB_ins_code    ? 
_pdbx_struct_special_symmetry.label_asym_id   B 
_pdbx_struct_special_symmetry.label_comp_id   HOH 
_pdbx_struct_special_symmetry.label_seq_id    . 
# 
loop_
_chem_comp_atom.comp_id 
_chem_comp_atom.atom_id 
_chem_comp_atom.type_symbol 
_chem_comp_atom.pdbx_aromatic_flag 
_chem_comp_atom.pdbx_stereo_config 
_chem_comp_atom.pdbx_ordinal 
ALA N    N N N 1   
ALA CA   C N S 2   
ALA C    C N N 3   
ALA O    O N N 4   
ALA CB   C N N 5   
ALA OXT  O N N 6   
ALA H    H N N 7   
ALA H2   H N N 8   
ALA HA   H N N 9   
ALA HB1  H N N 10  
ALA HB2  H N N 11  
ALA HB3  H N N 12  
ALA HXT  H N N 13  
ASN N    N N N 14  
ASN CA   C N S 15  
ASN C    C N N 16  
ASN O    O N N 17  
ASN CB   C N N 18  
ASN CG   C N N 19  
ASN OD1  O N N 20  
ASN ND2  N N N 21  
ASN OXT  O N N 22  
ASN H    H N N 23  
ASN H2   H N N 24  
ASN HA   H N N 25  
ASN HB2  H N N 26  
ASN HB3  H N N 27  
ASN HD21 H N N 28  
ASN HD22 H N N 29  
ASN HXT  H N N 30  
ASP N    N N N 31  
ASP CA   C N S 32  
ASP C    C N N 33  
ASP O    O N N 34  
ASP CB   C N N 35  
ASP CG   C N N 36  
ASP OD1  O N N 37  
ASP OD2  O N N 38  
ASP OXT  O N N 39  
ASP H    H N N 40  
ASP H2   H N N 41  
ASP HA   H N N 42  
ASP HB2  H N N 43  
ASP HB3  H N N 44  
ASP HD2  H N N 45  
ASP HXT  H N N 46  
DVA N    N N N 47  
DVA CA   C N R 48  
DVA CB   C N N 49  
DVA CG1  C N N 50  
DVA CG2  C N N 51  
DVA C    C N N 52  
DVA O    O N N 53  
DVA OXT  O N N 54  
DVA H    H N N 55  
DVA H2   H N N 56  
DVA HA   H N N 57  
DVA HB   H N N 58  
DVA HG11 H N N 59  
DVA HG12 H N N 60  
DVA HG13 H N N 61  
DVA HG21 H N N 62  
DVA HG22 H N N 63  
DVA HG23 H N N 64  
DVA HXT  H N N 65  
GLN N    N N N 66  
GLN CA   C N S 67  
GLN C    C N N 68  
GLN O    O N N 69  
GLN CB   C N N 70  
GLN CG   C N N 71  
GLN CD   C N N 72  
GLN OE1  O N N 73  
GLN NE2  N N N 74  
GLN OXT  O N N 75  
GLN H    H N N 76  
GLN H2   H N N 77  
GLN HA   H N N 78  
GLN HB2  H N N 79  
GLN HB3  H N N 80  
GLN HG2  H N N 81  
GLN HG3  H N N 82  
GLN HE21 H N N 83  
GLN HE22 H N N 84  
GLN HXT  H N N 85  
GLU N    N N N 86  
GLU CA   C N S 87  
GLU C    C N N 88  
GLU O    O N N 89  
GLU CB   C N N 90  
GLU CG   C N N 91  
GLU CD   C N N 92  
GLU OE1  O N N 93  
GLU OE2  O N N 94  
GLU OXT  O N N 95  
GLU H    H N N 96  
GLU H2   H N N 97  
GLU HA   H N N 98  
GLU HB2  H N N 99  
GLU HB3  H N N 100 
GLU HG2  H N N 101 
GLU HG3  H N N 102 
GLU HE2  H N N 103 
GLU HXT  H N N 104 
GLY N    N N N 105 
GLY CA   C N N 106 
GLY C    C N N 107 
GLY O    O N N 108 
GLY OXT  O N N 109 
GLY H    H N N 110 
GLY H2   H N N 111 
GLY HA2  H N N 112 
GLY HA3  H N N 113 
GLY HXT  H N N 114 
HOH O    O N N 115 
HOH H1   H N N 116 
HOH H2   H N N 117 
ILE N    N N N 118 
ILE CA   C N S 119 
ILE C    C N N 120 
ILE O    O N N 121 
ILE CB   C N S 122 
ILE CG1  C N N 123 
ILE CG2  C N N 124 
ILE CD1  C N N 125 
ILE OXT  O N N 126 
ILE H    H N N 127 
ILE H2   H N N 128 
ILE HA   H N N 129 
ILE HB   H N N 130 
ILE HG12 H N N 131 
ILE HG13 H N N 132 
ILE HG21 H N N 133 
ILE HG22 H N N 134 
ILE HG23 H N N 135 
ILE HD11 H N N 136 
ILE HD12 H N N 137 
ILE HD13 H N N 138 
ILE HXT  H N N 139 
LEU N    N N N 140 
LEU CA   C N S 141 
LEU C    C N N 142 
LEU O    O N N 143 
LEU CB   C N N 144 
LEU CG   C N N 145 
LEU CD1  C N N 146 
LEU CD2  C N N 147 
LEU OXT  O N N 148 
LEU H    H N N 149 
LEU H2   H N N 150 
LEU HA   H N N 151 
LEU HB2  H N N 152 
LEU HB3  H N N 153 
LEU HG   H N N 154 
LEU HD11 H N N 155 
LEU HD12 H N N 156 
LEU HD13 H N N 157 
LEU HD21 H N N 158 
LEU HD22 H N N 159 
LEU HD23 H N N 160 
LEU HXT  H N N 161 
LYS N    N N N 162 
LYS CA   C N S 163 
LYS C    C N N 164 
LYS O    O N N 165 
LYS CB   C N N 166 
LYS CG   C N N 167 
LYS CD   C N N 168 
LYS CE   C N N 169 
LYS NZ   N N N 170 
LYS OXT  O N N 171 
LYS H    H N N 172 
LYS H2   H N N 173 
LYS HA   H N N 174 
LYS HB2  H N N 175 
LYS HB3  H N N 176 
LYS HG2  H N N 177 
LYS HG3  H N N 178 
LYS HD2  H N N 179 
LYS HD3  H N N 180 
LYS HE2  H N N 181 
LYS HE3  H N N 182 
LYS HZ1  H N N 183 
LYS HZ2  H N N 184 
LYS HZ3  H N N 185 
LYS HXT  H N N 186 
PHE N    N N N 187 
PHE CA   C N S 188 
PHE C    C N N 189 
PHE O    O N N 190 
PHE CB   C N N 191 
PHE CG   C Y N 192 
PHE CD1  C Y N 193 
PHE CD2  C Y N 194 
PHE CE1  C Y N 195 
PHE CE2  C Y N 196 
PHE CZ   C Y N 197 
PHE OXT  O N N 198 
PHE H    H N N 199 
PHE H2   H N N 200 
PHE HA   H N N 201 
PHE HB2  H N N 202 
PHE HB3  H N N 203 
PHE HD1  H N N 204 
PHE HD2  H N N 205 
PHE HE1  H N N 206 
PHE HE2  H N N 207 
PHE HZ   H N N 208 
PHE HXT  H N N 209 
SER N    N N N 210 
SER CA   C N S 211 
SER C    C N N 212 
SER O    O N N 213 
SER CB   C N N 214 
SER OG   O N N 215 
SER OXT  O N N 216 
SER H    H N N 217 
SER H2   H N N 218 
SER HA   H N N 219 
SER HB2  H N N 220 
SER HB3  H N N 221 
SER HG   H N N 222 
SER HXT  H N N 223 
THR N    N N N 224 
THR CA   C N S 225 
THR C    C N N 226 
THR O    O N N 227 
THR CB   C N R 228 
THR OG1  O N N 229 
THR CG2  C N N 230 
THR OXT  O N N 231 
THR H    H N N 232 
THR H2   H N N 233 
THR HA   H N N 234 
THR HB   H N N 235 
THR HG1  H N N 236 
THR HG21 H N N 237 
THR HG22 H N N 238 
THR HG23 H N N 239 
THR HXT  H N N 240 
TRP N    N N N 241 
TRP CA   C N S 242 
TRP C    C N N 243 
TRP O    O N N 244 
TRP CB   C N N 245 
TRP CG   C Y N 246 
TRP CD1  C Y N 247 
TRP CD2  C Y N 248 
TRP NE1  N Y N 249 
TRP CE2  C Y N 250 
TRP CE3  C Y N 251 
TRP CZ2  C Y N 252 
TRP CZ3  C Y N 253 
TRP CH2  C Y N 254 
TRP OXT  O N N 255 
TRP H    H N N 256 
TRP H2   H N N 257 
TRP HA   H N N 258 
TRP HB2  H N N 259 
TRP HB3  H N N 260 
TRP HD1  H N N 261 
TRP HE1  H N N 262 
TRP HE3  H N N 263 
TRP HZ2  H N N 264 
TRP HZ3  H N N 265 
TRP HH2  H N N 266 
TRP HXT  H N N 267 
TYR N    N N N 268 
TYR CA   C N S 269 
TYR C    C N N 270 
TYR O    O N N 271 
TYR CB   C N N 272 
TYR CG   C Y N 273 
TYR CD1  C Y N 274 
TYR CD2  C Y N 275 
TYR CE1  C Y N 276 
TYR CE2  C Y N 277 
TYR CZ   C Y N 278 
TYR OH   O N N 279 
TYR OXT  O N N 280 
TYR H    H N N 281 
TYR H2   H N N 282 
TYR HA   H N N 283 
TYR HB2  H N N 284 
TYR HB3  H N N 285 
TYR HD1  H N N 286 
TYR HD2  H N N 287 
TYR HE1  H N N 288 
TYR HE2  H N N 289 
TYR HH   H N N 290 
TYR HXT  H N N 291 
VAL N    N N N 292 
VAL CA   C N S 293 
VAL C    C N N 294 
VAL O    O N N 295 
VAL CB   C N N 296 
VAL CG1  C N N 297 
VAL CG2  C N N 298 
VAL OXT  O N N 299 
VAL H    H N N 300 
VAL H2   H N N 301 
VAL HA   H N N 302 
VAL HB   H N N 303 
VAL HG11 H N N 304 
VAL HG12 H N N 305 
VAL HG13 H N N 306 
VAL HG21 H N N 307 
VAL HG22 H N N 308 
VAL HG23 H N N 309 
VAL HXT  H N N 310 
# 
loop_
_chem_comp_bond.comp_id 
_chem_comp_bond.atom_id_1 
_chem_comp_bond.atom_id_2 
_chem_comp_bond.value_order 
_chem_comp_bond.pdbx_aromatic_flag 
_chem_comp_bond.pdbx_stereo_config 
_chem_comp_bond.pdbx_ordinal 
ALA N   CA   sing N N 1   
ALA N   H    sing N N 2   
ALA N   H2   sing N N 3   
ALA CA  C    sing N N 4   
ALA CA  CB   sing N N 5   
ALA CA  HA   sing N N 6   
ALA C   O    doub N N 7   
ALA C   OXT  sing N N 8   
ALA CB  HB1  sing N N 9   
ALA CB  HB2  sing N N 10  
ALA CB  HB3  sing N N 11  
ALA OXT HXT  sing N N 12  
ASN N   CA   sing N N 13  
ASN N   H    sing N N 14  
ASN N   H2   sing N N 15  
ASN CA  C    sing N N 16  
ASN CA  CB   sing N N 17  
ASN CA  HA   sing N N 18  
ASN C   O    doub N N 19  
ASN C   OXT  sing N N 20  
ASN CB  CG   sing N N 21  
ASN CB  HB2  sing N N 22  
ASN CB  HB3  sing N N 23  
ASN CG  OD1  doub N N 24  
ASN CG  ND2  sing N N 25  
ASN ND2 HD21 sing N N 26  
ASN ND2 HD22 sing N N 27  
ASN OXT HXT  sing N N 28  
ASP N   CA   sing N N 29  
ASP N   H    sing N N 30  
ASP N   H2   sing N N 31  
ASP CA  C    sing N N 32  
ASP CA  CB   sing N N 33  
ASP CA  HA   sing N N 34  
ASP C   O    doub N N 35  
ASP C   OXT  sing N N 36  
ASP CB  CG   sing N N 37  
ASP CB  HB2  sing N N 38  
ASP CB  HB3  sing N N 39  
ASP CG  OD1  doub N N 40  
ASP CG  OD2  sing N N 41  
ASP OD2 HD2  sing N N 42  
ASP OXT HXT  sing N N 43  
DVA N   CA   sing N N 44  
DVA N   H    sing N N 45  
DVA N   H2   sing N N 46  
DVA CA  CB   sing N N 47  
DVA CA  C    sing N N 48  
DVA CA  HA   sing N N 49  
DVA CB  CG1  sing N N 50  
DVA CB  CG2  sing N N 51  
DVA CB  HB   sing N N 52  
DVA CG1 HG11 sing N N 53  
DVA CG1 HG12 sing N N 54  
DVA CG1 HG13 sing N N 55  
DVA CG2 HG21 sing N N 56  
DVA CG2 HG22 sing N N 57  
DVA CG2 HG23 sing N N 58  
DVA C   O    doub N N 59  
DVA C   OXT  sing N N 60  
DVA OXT HXT  sing N N 61  
GLN N   CA   sing N N 62  
GLN N   H    sing N N 63  
GLN N   H2   sing N N 64  
GLN CA  C    sing N N 65  
GLN CA  CB   sing N N 66  
GLN CA  HA   sing N N 67  
GLN C   O    doub N N 68  
GLN C   OXT  sing N N 69  
GLN CB  CG   sing N N 70  
GLN CB  HB2  sing N N 71  
GLN CB  HB3  sing N N 72  
GLN CG  CD   sing N N 73  
GLN CG  HG2  sing N N 74  
GLN CG  HG3  sing N N 75  
GLN CD  OE1  doub N N 76  
GLN CD  NE2  sing N N 77  
GLN NE2 HE21 sing N N 78  
GLN NE2 HE22 sing N N 79  
GLN OXT HXT  sing N N 80  
GLU N   CA   sing N N 81  
GLU N   H    sing N N 82  
GLU N   H2   sing N N 83  
GLU CA  C    sing N N 84  
GLU CA  CB   sing N N 85  
GLU CA  HA   sing N N 86  
GLU C   O    doub N N 87  
GLU C   OXT  sing N N 88  
GLU CB  CG   sing N N 89  
GLU CB  HB2  sing N N 90  
GLU CB  HB3  sing N N 91  
GLU CG  CD   sing N N 92  
GLU CG  HG2  sing N N 93  
GLU CG  HG3  sing N N 94  
GLU CD  OE1  doub N N 95  
GLU CD  OE2  sing N N 96  
GLU OE2 HE2  sing N N 97  
GLU OXT HXT  sing N N 98  
GLY N   CA   sing N N 99  
GLY N   H    sing N N 100 
GLY N   H2   sing N N 101 
GLY CA  C    sing N N 102 
GLY CA  HA2  sing N N 103 
GLY CA  HA3  sing N N 104 
GLY C   O    doub N N 105 
GLY C   OXT  sing N N 106 
GLY OXT HXT  sing N N 107 
HOH O   H1   sing N N 108 
HOH O   H2   sing N N 109 
ILE N   CA   sing N N 110 
ILE N   H    sing N N 111 
ILE N   H2   sing N N 112 
ILE CA  C    sing N N 113 
ILE CA  CB   sing N N 114 
ILE CA  HA   sing N N 115 
ILE C   O    doub N N 116 
ILE C   OXT  sing N N 117 
ILE CB  CG1  sing N N 118 
ILE CB  CG2  sing N N 119 
ILE CB  HB   sing N N 120 
ILE CG1 CD1  sing N N 121 
ILE CG1 HG12 sing N N 122 
ILE CG1 HG13 sing N N 123 
ILE CG2 HG21 sing N N 124 
ILE CG2 HG22 sing N N 125 
ILE CG2 HG23 sing N N 126 
ILE CD1 HD11 sing N N 127 
ILE CD1 HD12 sing N N 128 
ILE CD1 HD13 sing N N 129 
ILE OXT HXT  sing N N 130 
LEU N   CA   sing N N 131 
LEU N   H    sing N N 132 
LEU N   H2   sing N N 133 
LEU CA  C    sing N N 134 
LEU CA  CB   sing N N 135 
LEU CA  HA   sing N N 136 
LEU C   O    doub N N 137 
LEU C   OXT  sing N N 138 
LEU CB  CG   sing N N 139 
LEU CB  HB2  sing N N 140 
LEU CB  HB3  sing N N 141 
LEU CG  CD1  sing N N 142 
LEU CG  CD2  sing N N 143 
LEU CG  HG   sing N N 144 
LEU CD1 HD11 sing N N 145 
LEU CD1 HD12 sing N N 146 
LEU CD1 HD13 sing N N 147 
LEU CD2 HD21 sing N N 148 
LEU CD2 HD22 sing N N 149 
LEU CD2 HD23 sing N N 150 
LEU OXT HXT  sing N N 151 
LYS N   CA   sing N N 152 
LYS N   H    sing N N 153 
LYS N   H2   sing N N 154 
LYS CA  C    sing N N 155 
LYS CA  CB   sing N N 156 
LYS CA  HA   sing N N 157 
LYS C   O    doub N N 158 
LYS C   OXT  sing N N 159 
LYS CB  CG   sing N N 160 
LYS CB  HB2  sing N N 161 
LYS CB  HB3  sing N N 162 
LYS CG  CD   sing N N 163 
LYS CG  HG2  sing N N 164 
LYS CG  HG3  sing N N 165 
LYS CD  CE   sing N N 166 
LYS CD  HD2  sing N N 167 
LYS CD  HD3  sing N N 168 
LYS CE  NZ   sing N N 169 
LYS CE  HE2  sing N N 170 
LYS CE  HE3  sing N N 171 
LYS NZ  HZ1  sing N N 172 
LYS NZ  HZ2  sing N N 173 
LYS NZ  HZ3  sing N N 174 
LYS OXT HXT  sing N N 175 
PHE N   CA   sing N N 176 
PHE N   H    sing N N 177 
PHE N   H2   sing N N 178 
PHE CA  C    sing N N 179 
PHE CA  CB   sing N N 180 
PHE CA  HA   sing N N 181 
PHE C   O    doub N N 182 
PHE C   OXT  sing N N 183 
PHE CB  CG   sing N N 184 
PHE CB  HB2  sing N N 185 
PHE CB  HB3  sing N N 186 
PHE CG  CD1  doub Y N 187 
PHE CG  CD2  sing Y N 188 
PHE CD1 CE1  sing Y N 189 
PHE CD1 HD1  sing N N 190 
PHE CD2 CE2  doub Y N 191 
PHE CD2 HD2  sing N N 192 
PHE CE1 CZ   doub Y N 193 
PHE CE1 HE1  sing N N 194 
PHE CE2 CZ   sing Y N 195 
PHE CE2 HE2  sing N N 196 
PHE CZ  HZ   sing N N 197 
PHE OXT HXT  sing N N 198 
SER N   CA   sing N N 199 
SER N   H    sing N N 200 
SER N   H2   sing N N 201 
SER CA  C    sing N N 202 
SER CA  CB   sing N N 203 
SER CA  HA   sing N N 204 
SER C   O    doub N N 205 
SER C   OXT  sing N N 206 
SER CB  OG   sing N N 207 
SER CB  HB2  sing N N 208 
SER CB  HB3  sing N N 209 
SER OG  HG   sing N N 210 
SER OXT HXT  sing N N 211 
THR N   CA   sing N N 212 
THR N   H    sing N N 213 
THR N   H2   sing N N 214 
THR CA  C    sing N N 215 
THR CA  CB   sing N N 216 
THR CA  HA   sing N N 217 
THR C   O    doub N N 218 
THR C   OXT  sing N N 219 
THR CB  OG1  sing N N 220 
THR CB  CG2  sing N N 221 
THR CB  HB   sing N N 222 
THR OG1 HG1  sing N N 223 
THR CG2 HG21 sing N N 224 
THR CG2 HG22 sing N N 225 
THR CG2 HG23 sing N N 226 
THR OXT HXT  sing N N 227 
TRP N   CA   sing N N 228 
TRP N   H    sing N N 229 
TRP N   H2   sing N N 230 
TRP CA  C    sing N N 231 
TRP CA  CB   sing N N 232 
TRP CA  HA   sing N N 233 
TRP C   O    doub N N 234 
TRP C   OXT  sing N N 235 
TRP CB  CG   sing N N 236 
TRP CB  HB2  sing N N 237 
TRP CB  HB3  sing N N 238 
TRP CG  CD1  doub Y N 239 
TRP CG  CD2  sing Y N 240 
TRP CD1 NE1  sing Y N 241 
TRP CD1 HD1  sing N N 242 
TRP CD2 CE2  doub Y N 243 
TRP CD2 CE3  sing Y N 244 
TRP NE1 CE2  sing Y N 245 
TRP NE1 HE1  sing N N 246 
TRP CE2 CZ2  sing Y N 247 
TRP CE3 CZ3  doub Y N 248 
TRP CE3 HE3  sing N N 249 
TRP CZ2 CH2  doub Y N 250 
TRP CZ2 HZ2  sing N N 251 
TRP CZ3 CH2  sing Y N 252 
TRP CZ3 HZ3  sing N N 253 
TRP CH2 HH2  sing N N 254 
TRP OXT HXT  sing N N 255 
TYR N   CA   sing N N 256 
TYR N   H    sing N N 257 
TYR N   H2   sing N N 258 
TYR CA  C    sing N N 259 
TYR CA  CB   sing N N 260 
TYR CA  HA   sing N N 261 
TYR C   O    doub N N 262 
TYR C   OXT  sing N N 263 
TYR CB  CG   sing N N 264 
TYR CB  HB2  sing N N 265 
TYR CB  HB3  sing N N 266 
TYR CG  CD1  doub Y N 267 
TYR CG  CD2  sing Y N 268 
TYR CD1 CE1  sing Y N 269 
TYR CD1 HD1  sing N N 270 
TYR CD2 CE2  doub Y N 271 
TYR CD2 HD2  sing N N 272 
TYR CE1 CZ   doub Y N 273 
TYR CE1 HE1  sing N N 274 
TYR CE2 CZ   sing Y N 275 
TYR CE2 HE2  sing N N 276 
TYR CZ  OH   sing N N 277 
TYR OH  HH   sing N N 278 
TYR OXT HXT  sing N N 279 
VAL N   CA   sing N N 280 
VAL N   H    sing N N 281 
VAL N   H2   sing N N 282 
VAL CA  C    sing N N 283 
VAL CA  CB   sing N N 284 
VAL CA  HA   sing N N 285 
VAL C   O    doub N N 286 
VAL C   OXT  sing N N 287 
VAL CB  CG1  sing N N 288 
VAL CB  CG2  sing N N 289 
VAL CB  HB   sing N N 290 
VAL CG1 HG11 sing N N 291 
VAL CG1 HG12 sing N N 292 
VAL CG1 HG13 sing N N 293 
VAL CG2 HG21 sing N N 294 
VAL CG2 HG22 sing N N 295 
VAL CG2 HG23 sing N N 296 
VAL OXT HXT  sing N N 297 
# 
loop_
_pdbx_audit_support.funding_organization 
_pdbx_audit_support.country 
_pdbx_audit_support.grant_number 
_pdbx_audit_support.ordinal 
'Department of Science & Technology (India)' India EMR/2016/006193             1 
'Department of Science & Technology (India)' India IR/SO/LU/0003/2010-PHASE-II 2 
# 
_pdbx_initial_refinement_model.id               1 
_pdbx_initial_refinement_model.entity_id_list   ? 
_pdbx_initial_refinement_model.type             'experimental model' 
_pdbx_initial_refinement_model.source_name      PDB 
_pdbx_initial_refinement_model.accession_code   2QMT 
_pdbx_initial_refinement_model.details          ? 
# 
_atom_sites.entry_id                    6L9D 
_atom_sites.Cartn_transf_matrix[1][1]   ? 
_atom_sites.Cartn_transf_matrix[1][2]   ? 
_atom_sites.Cartn_transf_matrix[1][3]   ? 
_atom_sites.Cartn_transf_matrix[2][1]   ? 
_atom_sites.Cartn_transf_matrix[2][2]   ? 
_atom_sites.Cartn_transf_matrix[2][3]   ? 
_atom_sites.Cartn_transf_matrix[3][1]   ? 
_atom_sites.Cartn_transf_matrix[3][2]   ? 
_atom_sites.Cartn_transf_matrix[3][3]   ? 
_atom_sites.Cartn_transf_vector[1]      ? 
_atom_sites.Cartn_transf_vector[2]      ? 
_atom_sites.Cartn_transf_vector[3]      ? 
_atom_sites.fract_transf_matrix[1][1]   0.01853685 
_atom_sites.fract_transf_matrix[1][2]   0.01493592 
_atom_sites.fract_transf_matrix[1][3]   -0.01164848 
_atom_sites.fract_transf_matrix[2][1]   0.02465401 
_atom_sites.fract_transf_matrix[2][2]   -0.00930117 
_atom_sites.fract_transf_matrix[2][3]   -0.00284202 
_atom_sites.fract_transf_matrix[3][1]   -0.00514750 
_atom_sites.fract_transf_matrix[3][2]   -0.00800495 
_atom_sites.fract_transf_matrix[3][3]   -0.01845560 
_atom_sites.fract_transf_vector[1]      -0.180277 
_atom_sites.fract_transf_vector[2]      0.488605 
_atom_sites.fract_transf_vector[3]      0.046417 
_atom_sites.solution_primary            ? 
_atom_sites.solution_secondary          ? 
_atom_sites.solution_hydrogens          ? 
_atom_sites.special_details             ? 
# 
loop_
_atom_type.symbol 
C 
N 
O 
# 
loop_
_atom_site.group_PDB 
_atom_site.id 
_atom_site.type_symbol 
_atom_site.label_atom_id 
_atom_site.label_alt_id 
_atom_site.label_comp_id 
_atom_site.label_asym_id 
_atom_site.label_entity_id 
_atom_site.label_seq_id 
_atom_site.pdbx_PDB_ins_code 
_atom_site.Cartn_x 
_atom_site.Cartn_y 
_atom_site.Cartn_z 
_atom_site.occupancy 
_atom_site.B_iso_or_equiv 
_atom_site.pdbx_formal_charge 
_atom_site.auth_seq_id 
_atom_site.auth_comp_id 
_atom_site.auth_asym_id 
_atom_site.auth_atom_id 
_atom_site.pdbx_PDB_model_num 
ATOM   1   N N   . ASP A 1 1  ? -4.734  13.254  5.262   1.00 37.59 ? 1   ASP A N   1 
ATOM   2   C CA  . ASP A 1 1  ? -5.618  12.139  5.560   1.00 37.32 ? 1   ASP A CA  1 
ATOM   3   C C   . ASP A 1 1  ? -4.812  10.884  5.915   1.00 32.63 ? 1   ASP A C   1 
ATOM   4   O O   . ASP A 1 1  ? -3.586  10.871  5.804   1.00 31.25 ? 1   ASP A O   1 
ATOM   5   C CB  . ASP A 1 1  ? -6.545  11.865  4.374   1.00 39.22 ? 1   ASP A CB  1 
ATOM   6   C CG  . ASP A 1 1  ? -7.394  13.073  4.004   1.00 41.18 ? 1   ASP A CG  1 
ATOM   7   O OD1 . ASP A 1 1  ? -7.692  13.891  4.899   1.00 46.31 ? 1   ASP A OD1 1 
ATOM   8   O OD2 . ASP A 1 1  ? -7.768  13.205  2.819   1.00 45.91 ? 1   ASP A OD2 1 
ATOM   9   N N   . THR A 1 2  ? -5.505  9.841   6.366   1.00 29.71 ? 2   THR A N   1 
ATOM   10  C CA  . THR A 1 2  ? -4.883  8.543   6.602   1.00 25.18 ? 2   THR A CA  1 
ATOM   11  C C   . THR A 1 2  ? -5.178  7.624   5.423   1.00 16.90 ? 2   THR A C   1 
ATOM   12  O O   . THR A 1 2  ? -6.344  7.416   5.065   1.00 23.89 ? 2   THR A O   1 
ATOM   13  C CB  . THR A 1 2  ? -5.380  7.884   7.889   1.00 27.36 ? 2   THR A CB  1 
ATOM   14  O OG1 . THR A 1 2  ? -5.180  8.775   8.996   1.00 29.73 ? 2   THR A OG1 1 
ATOM   15  C CG2 . THR A 1 2  ? -4.585  6.587   8.148   1.00 22.69 ? 2   THR A CG2 1 
ATOM   16  N N   . TYR A 1 3  ? -4.121  7.056   4.855   1.00 17.75 ? 3   TYR A N   1 
ATOM   17  C CA  . TYR A 1 3  ? -4.204  6.077   3.778   1.00 16.91 ? 3   TYR A CA  1 
ATOM   18  C C   . TYR A 1 3  ? -3.845  4.708   4.334   1.00 16.19 ? 3   TYR A C   1 
ATOM   19  O O   . TYR A 1 3  ? -3.061  4.603   5.272   1.00 16.17 ? 3   TYR A O   1 
ATOM   20  C CB  . TYR A 1 3  ? -3.248  6.437   2.640   1.00 13.64 ? 3   TYR A CB  1 
ATOM   21  C CG  . TYR A 1 3  ? -3.617  7.746   1.997   1.00 17.81 ? 3   TYR A CG  1 
ATOM   22  C CD1 . TYR A 1 3  ? -3.224  8.945   2.586   1.00 19.75 ? 3   TYR A CD1 1 
ATOM   23  C CD2 . TYR A 1 3  ? -4.382  7.787   0.838   1.00 13.01 ? 3   TYR A CD2 1 
ATOM   24  C CE1 . TYR A 1 3  ? -3.558  10.144  2.037   1.00 21.56 ? 3   TYR A CE1 1 
ATOM   25  C CE2 . TYR A 1 3  ? -4.734  9.006   0.269   1.00 16.73 ? 3   TYR A CE2 1 
ATOM   26  C CZ  . TYR A 1 3  ? -4.312  10.179  0.883   1.00 21.15 ? 3   TYR A CZ  1 
ATOM   27  O OH  . TYR A 1 3  ? -4.631  11.417  0.369   1.00 23.46 ? 3   TYR A OH  1 
ATOM   28  N N   . LYS A 1 4  ? -4.428  3.658   3.762   1.00 15.98 ? 4   LYS A N   1 
ATOM   29  C CA  . LYS A 1 4  ? -4.198  2.290   4.211   1.00 15.65 ? 4   LYS A CA  1 
ATOM   30  C C   . LYS A 1 4  ? -3.594  1.492   3.065   1.00 14.68 ? 4   LYS A C   1 
ATOM   31  O O   . LYS A 1 4  ? -3.913  1.739   1.899   1.00 12.88 ? 4   LYS A O   1 
ATOM   32  C CB  . LYS A 1 4  ? -5.519  1.632   4.680   1.00 17.79 ? 4   LYS A CB  1 
ATOM   33  C CG  . LYS A 1 4  ? -5.369  0.220   5.224   1.00 19.01 ? 4   LYS A CG  1 
ATOM   34  C CD  . LYS A 1 4  ? -6.691  -0.297  5.816   1.00 20.17 ? 4   LYS A CD  1 
ATOM   35  C CE  . LYS A 1 4  ? -7.809  -0.337  4.787   1.00 30.00 ? 4   LYS A CE  1 
ATOM   36  N NZ  . LYS A 1 4  ? -9.049  -0.987  5.325   1.00 33.67 ? 4   LYS A NZ  1 
ATOM   37  N N   . LEU A 1 5  ? -2.708  0.554   3.391   1.00 13.24 ? 5   LEU A N   1 
ATOM   38  C CA  . LEU A 1 5  ? -2.184  -0.410  2.430   1.00 12.59 ? 5   LEU A CA  1 
ATOM   39  C C   . LEU A 1 5  ? -2.492  -1.818  2.909   1.00 12.30 ? 5   LEU A C   1 
ATOM   40  O O   . LEU A 1 5  ? -2.198  -2.159  4.055   1.00 14.33 ? 5   LEU A O   1 
ATOM   41  C CB  . LEU A 1 5  ? -0.668  -0.285  2.240   1.00 13.38 ? 5   LEU A CB  1 
ATOM   42  C CG  . LEU A 1 5  ? -0.049  -1.324  1.290   1.00 13.54 ? 5   LEU A CG  1 
ATOM   43  C CD1 . LEU A 1 5  ? -0.479  -1.141  -0.185  1.00 12.37 ? 5   LEU A CD1 1 
ATOM   44  C CD2 . LEU A 1 5  ? 1.472   -1.329  1.411   1.00 17.83 ? 5   LEU A CD2 1 
ATOM   45  N N   . ILE A 1 6  ? -3.088  -2.617  2.034   1.00 12.07 ? 6   ILE A N   1 
ATOM   46  C CA  . ILE A 1 6  ? -3.240  -4.050  2.244   1.00 13.84 ? 6   ILE A CA  1 
ATOM   47  C C   . ILE A 1 6  ? -2.212  -4.733  1.362   1.00 14.17 ? 6   ILE A C   1 
ATOM   48  O O   . ILE A 1 6  ? -2.280  -4.648  0.129   1.00 15.54 ? 6   ILE A O   1 
ATOM   49  C CB  . ILE A 1 6  ? -4.658  -4.529  1.927   1.00 16.75 ? 6   ILE A CB  1 
ATOM   50  C CG1 . ILE A 1 6  ? -5.654  -3.787  2.811   1.00 19.09 ? 6   ILE A CG1 1 
ATOM   51  C CG2 . ILE A 1 6  ? -4.760  -6.046  2.150   1.00 17.53 ? 6   ILE A CG2 1 
ATOM   52  C CD1 . ILE A 1 6  ? -7.081  -4.038  2.477   1.00 23.22 ? 6   ILE A CD1 1 
ATOM   53  N N   . LEU A 1 7  ? -1.251  -5.399  1.991   1.00 14.44 ? 7   LEU A N   1 
ATOM   54  C CA  . LEU A 1 7  ? -0.196  -6.097  1.273   1.00 15.87 ? 7   LEU A CA  1 
ATOM   55  C C   . LEU A 1 7  ? -0.518  -7.584  1.267   1.00 14.91 ? 7   LEU A C   1 
ATOM   56  O O   . LEU A 1 7  ? -0.804  -8.162  2.318   1.00 16.32 ? 7   LEU A O   1 
ATOM   57  C CB  . LEU A 1 7  ? 1.166   -5.822  1.925   1.00 14.74 ? 7   LEU A CB  1 
ATOM   58  C CG  . LEU A 1 7  ? 2.410   -6.390  1.239   1.00 22.62 ? 7   LEU A CG  1 
ATOM   59  C CD1 . LEU A 1 7  ? 3.615   -5.490  1.496   1.00 25.39 ? 7   LEU A CD1 1 
ATOM   60  C CD2 . LEU A 1 7  ? 2.679   -7.808  1.732   1.00 24.01 ? 7   LEU A CD2 1 
ATOM   61  N N   . ASN A 1 8  ? -0.477  -8.204  0.086   1.00 16.10 ? 8   ASN A N   1 
ATOM   62  C CA  . ASN A 1 8  ? -0.706  -9.644  -0.027  1.00 16.42 ? 8   ASN A CA  1 
ATOM   63  C C   . ASN A 1 8  ? 0.515   -10.279 -0.681  1.00 15.29 ? 8   ASN A C   1 
ATOM   64  O O   . ASN A 1 8  ? 0.683   -10.209 -1.902  1.00 15.41 ? 8   ASN A O   1 
ATOM   65  C CB  . ASN A 1 8  ? -1.969  -9.952  -0.810  1.00 16.67 ? 8   ASN A CB  1 
ATOM   66  C CG  . ASN A 1 8  ? -2.285  -11.435 -0.820  1.00 21.54 ? 8   ASN A CG  1 
ATOM   67  O OD1 . ASN A 1 8  ? -1.598  -12.232 -0.165  1.00 16.23 ? 8   ASN A OD1 1 
ATOM   68  N ND2 . ASN A 1 8  ? -3.313  -11.817 -1.571  1.00 16.88 ? 8   ASN A ND2 1 
ATOM   69  N N   . GLY A 1 9  ? 1.357   -10.903 0.128   1.00 15.11 ? 9   GLY A N   1 
ATOM   70  C CA  . GLY A 1 9  ? 2.549   -11.545 -0.393  1.00 17.00 ? 9   GLY A CA  1 
ATOM   71  C C   . GLY A 1 9  ? 2.381   -13.043 -0.569  1.00 17.97 ? 9   GLY A C   1 
ATOM   72  O O   . GLY A 1 9  ? 3.325   -13.750 -0.923  1.00 21.39 ? 9   GLY A O   1 
HETATM 73  N N   . DVA A 1 10 ? 1.163   -13.520 -0.340  1.00 14.28 ? 10  DVA A N   1 
HETATM 74  C CA  . DVA A 1 10 ? 0.846   -14.943 -0.411  1.00 13.20 ? 10  DVA A CA  1 
HETATM 75  C CB  . DVA A 1 10 ? -0.386  -15.197 -1.326  1.00 16.68 ? 10  DVA A CB  1 
HETATM 76  C CG1 . DVA A 1 10 ? -0.113  -14.701 -2.743  1.00 20.74 ? 10  DVA A CG1 1 
HETATM 77  C CG2 . DVA A 1 10 ? -0.781  -16.686 -1.348  1.00 15.01 ? 10  DVA A CG2 1 
HETATM 78  C C   . DVA A 1 10 ? 0.608   -15.415 1.031   1.00 14.85 ? 10  DVA A C   1 
HETATM 79  O O   . DVA A 1 10 ? -0.409  -15.086 1.628   1.00 17.11 ? 10  DVA A O   1 
ATOM   80  N N   . SER A 1 11 ? 1.556   -16.164 1.592   1.00 14.11 ? 11  SER A N   1 
ATOM   81  C CA  . SER A 1 11 ? 1.471   -16.573 2.995   1.00 16.21 ? 11  SER A CA  1 
ATOM   82  C C   . SER A 1 11 ? 1.585   -15.361 3.928   1.00 17.38 ? 11  SER A C   1 
ATOM   83  O O   . SER A 1 11 ? 1.029   -15.365 5.030   1.00 17.20 ? 11  SER A O   1 
ATOM   84  C CB  . SER A 1 11 ? 2.549   -17.617 3.339   1.00 13.62 ? 11  SER A CB  1 
ATOM   85  O OG  . SER A 1 11 ? 3.855   -17.068 3.282   1.00 19.30 ? 11  SER A OG  1 
ATOM   86  N N   . LEU A 1 12 ? 2.295   -14.323 3.488   1.00 14.29 ? 12  LEU A N   1 
ATOM   87  C CA  . LEU A 1 12 ? 2.512   -13.126 4.297   1.00 19.69 ? 12  LEU A CA  1 
ATOM   88  C C   . LEU A 1 12 ? 1.526   -12.041 3.884   1.00 19.31 ? 12  LEU A C   1 
ATOM   89  O O   . LEU A 1 12 ? 1.424   -11.722 2.699   1.00 18.08 ? 12  LEU A O   1 
ATOM   90  C CB  . LEU A 1 12 ? 3.938   -12.598 4.131   1.00 20.91 ? 12  LEU A CB  1 
ATOM   91  C CG  . LEU A 1 12 ? 5.104   -13.120 4.966   1.00 27.68 ? 12  LEU A CG  1 
ATOM   92  C CD1 . LEU A 1 12 ? 6.287   -12.201 4.736   1.00 36.23 ? 12  LEU A CD1 1 
ATOM   93  C CD2 . LEU A 1 12 ? 4.761   -13.144 6.437   1.00 30.27 ? 12  LEU A CD2 1 
ATOM   94  N N   . LYS A 1 13 ? 0.830   -11.457 4.854   1.00 14.53 ? 13  LYS A N   1 
ATOM   95  C CA  . LYS A 1 13 ? -0.107  -10.377 4.565   1.00 16.31 ? 13  LYS A CA  1 
ATOM   96  C C   . LYS A 1 13 ? 0.135   -9.232  5.537   1.00 18.77 ? 13  LYS A C   1 
ATOM   97  O O   . LYS A 1 13 ? 0.353   -9.460  6.728   1.00 18.80 ? 13  LYS A O   1 
ATOM   98  C CB  . LYS A 1 13 ? -1.556  -10.868 4.646   1.00 16.04 ? 13  LYS A CB  1 
ATOM   99  C CG  . LYS A 1 13 ? -1.946  -11.743 3.416   1.00 20.45 ? 13  LYS A CG  1 
ATOM   100 C CD  . LYS A 1 13 ? -3.387  -12.239 3.486   1.00 25.59 ? 13  LYS A CD  1 
ATOM   101 C CE  . LYS A 1 13 ? -3.829  -12.912 2.179   1.00 22.66 ? 13  LYS A CE  1 
ATOM   102 N NZ  . LYS A 1 13 ? -2.905  -13.993 1.705   1.00 22.16 ? 13  LYS A NZ  1 
ATOM   103 N N   . GLY A 1 14 ? 0.111   -8.005  5.033   1.00 17.52 ? 14  GLY A N   1 
ATOM   104 C CA  . GLY A 1 14 ? 0.352   -6.847  5.871   1.00 20.19 ? 14  GLY A CA  1 
ATOM   105 C C   . GLY A 1 14 ? -0.780  -5.840  5.762   1.00 18.06 ? 14  GLY A C   1 
ATOM   106 O O   . GLY A 1 14 ? -1.430  -5.729  4.731   1.00 14.67 ? 14  GLY A O   1 
ATOM   107 N N   . GLU A 1 15 ? -1.004  -5.114  6.852   1.00 16.32 ? 15  GLU A N   1 
ATOM   108 C CA  . GLU A 1 15 ? -1.877  -3.950  6.814   1.00 14.48 ? 15  GLU A CA  1 
ATOM   109 C C   . GLU A 1 15 ? -1.156  -2.825  7.526   1.00 14.37 ? 15  GLU A C   1 
ATOM   110 O O   . GLU A 1 15 ? -0.819  -2.947  8.711   1.00 14.06 ? 15  GLU A O   1 
ATOM   111 C CB  . GLU A 1 15 ? -3.231  -4.208  7.472   1.00 18.06 ? 15  GLU A CB  1 
ATOM   112 C CG  . GLU A 1 15 ? -4.186  -5.108  6.719   1.00 25.14 ? 15  GLU A CG  1 
ATOM   113 C CD  . GLU A 1 15 ? -5.617  -4.799  7.089   1.00 26.78 ? 15  GLU A CD  1 
ATOM   114 O OE1 . GLU A 1 15 ? -5.981  -3.605  7.051   1.00 26.73 ? 15  GLU A OE1 1 
ATOM   115 O OE2 . GLU A 1 15 ? -6.366  -5.735  7.431   1.00 35.94 ? 15  GLU A OE2 1 
ATOM   116 N N   . THR A 1 16 ? -0.906  -1.742  6.807   1.00 14.88 ? 16  THR A N   1 
ATOM   117 C CA  . THR A 1 16 ? -0.224  -0.605  7.397   1.00 13.73 ? 16  THR A CA  1 
ATOM   118 C C   . THR A 1 16 ? -0.958  0.659   6.978   1.00 13.32 ? 16  THR A C   1 
ATOM   119 O O   . THR A 1 16 ? -1.883  0.635   6.157   1.00 14.85 ? 16  THR A O   1 
ATOM   120 C CB  . THR A 1 16 ? 1.254   -0.569  6.983   1.00 14.41 ? 16  THR A CB  1 
ATOM   121 O OG1 . THR A 1 16 ? 1.944   0.416   7.764   1.00 16.81 ? 16  THR A OG1 1 
ATOM   122 C CG2 . THR A 1 16 ? 1.378   -0.246  5.473   1.00 19.48 ? 16  THR A CG2 1 
ATOM   123 N N   . THR A 1 17 ? -0.561  1.777   7.573   1.00 15.26 ? 17  THR A N   1 
ATOM   124 C CA  . THR A 1 17 ? -1.117  3.068   7.205   1.00 15.27 ? 17  THR A CA  1 
ATOM   125 C C   . THR A 1 17 ? 0.010   4.082   7.119   1.00 16.34 ? 17  THR A C   1 
ATOM   126 O O   . THR A 1 17 ? 1.124   3.854   7.587   1.00 19.65 ? 17  THR A O   1 
ATOM   127 C CB  . THR A 1 17 ? -2.156  3.581   8.215   1.00 13.28 ? 17  THR A CB  1 
ATOM   128 O OG1 . THR A 1 17 ? -1.544  3.702   9.505   1.00 13.40 ? 17  THR A OG1 1 
ATOM   129 C CG2 . THR A 1 17 ? -3.354  2.634   8.326   1.00 14.31 ? 17  THR A CG2 1 
ATOM   130 N N   . THR A 1 18 ? -0.306  5.221   6.516   1.00 20.22 ? 18  THR A N   1 
ATOM   131 C CA  . THR A 1 18 ? 0.609   6.349   6.509   1.00 24.33 ? 18  THR A CA  1 
ATOM   132 C C   . THR A 1 18 ? -0.230  7.614   6.434   1.00 21.75 ? 18  THR A C   1 
ATOM   133 O O   . THR A 1 18 ? -1.318  7.612   5.862   1.00 20.73 ? 18  THR A O   1 
ATOM   134 C CB  . THR A 1 18 ? 1.620   6.237   5.352   1.00 21.97 ? 18  THR A CB  1 
ATOM   135 O OG1 . THR A 1 18 ? 2.672   7.197   5.527   1.00 29.39 ? 18  THR A OG1 1 
ATOM   136 C CG2 . THR A 1 18 ? 0.946   6.469   3.980   1.00 19.18 ? 18  THR A CG2 1 
ATOM   137 N N   . GLU A 1 19 ? 0.238   8.677   7.097   1.00 23.35 ? 19  GLU A N   1 
ATOM   138 C CA  . GLU A 1 19 ? -0.350  9.991   6.908   1.00 25.69 ? 19  GLU A CA  1 
ATOM   139 C C   . GLU A 1 19 ? 0.401   10.651  5.766   1.00 23.47 ? 19  GLU A C   1 
ATOM   140 O O   . GLU A 1 19 ? 1.635   10.577  5.703   1.00 28.38 ? 19  GLU A O   1 
ATOM   141 C CB  . GLU A 1 19 ? -0.285  10.856  8.172   1.00 34.73 ? 19  GLU A CB  1 
ATOM   142 C CG  . GLU A 1 19 ? -1.504  10.703  9.077   1.00 24.29 ? 19  GLU A CG  1 
ATOM   143 C CD  . GLU A 1 19 ? -1.704  9.270   9.471   1.00 31.28 ? 19  GLU A CD  1 
ATOM   144 O OE1 . GLU A 1 19 ? -0.702  8.619   9.805   1.00 38.46 ? 19  GLU A OE1 1 
ATOM   145 O OE2 . GLU A 1 19 ? -2.849  8.780   9.414   1.00 37.88 ? 19  GLU A OE2 1 
ATOM   146 N N   . ALA A 1 20 ? -0.350  11.215  4.833   1.00 29.66 ? 20  ALA A N   1 
ATOM   147 C CA  . ALA A 1 20 ? 0.216   11.853  3.661   1.00 25.32 ? 20  ALA A CA  1 
ATOM   148 C C   . ALA A 1 20 ? -0.694  13.005  3.274   1.00 22.05 ? 20  ALA A C   1 
ATOM   149 O O   . ALA A 1 20 ? -1.892  12.992  3.562   1.00 26.23 ? 20  ALA A O   1 
ATOM   150 C CB  . ALA A 1 20 ? 0.366   10.862  2.493   1.00 23.32 ? 20  ALA A CB  1 
ATOM   151 N N   . VAL A 1 21 ? -0.116  14.004  2.603   1.00 25.14 ? 21  VAL A N   1 
ATOM   152 C CA  . VAL A 1 21 ? -0.920  15.132  2.158   1.00 25.07 ? 21  VAL A CA  1 
ATOM   153 C C   . VAL A 1 21 ? -1.765  14.768  0.940   1.00 26.29 ? 21  VAL A C   1 
ATOM   154 O O   . VAL A 1 21 ? -2.765  15.441  0.653   1.00 28.28 ? 21  VAL A O   1 
ATOM   155 C CB  . VAL A 1 21 ? -0.004  16.338  1.881   1.00 32.19 ? 21  VAL A CB  1 
ATOM   156 C CG1 . VAL A 1 21 ? 0.832   16.114  0.624   1.00 30.82 ? 21  VAL A CG1 1 
ATOM   157 C CG2 . VAL A 1 21 ? -0.809  17.623  1.795   1.00 41.17 ? 21  VAL A CG2 1 
ATOM   158 N N   . ASP A 1 22 ? -1.415  13.702  0.234   1.00 23.56 ? 22  ASP A N   1 
ATOM   159 C CA  . ASP A 1 22 ? -2.199  13.306  -0.927  1.00 19.20 ? 22  ASP A CA  1 
ATOM   160 C C   . ASP A 1 22 ? -1.912  11.849  -1.239  1.00 17.76 ? 22  ASP A C   1 
ATOM   161 O O   . ASP A 1 22 ? -0.986  11.241  -0.689  1.00 16.41 ? 22  ASP A O   1 
ATOM   162 C CB  . ASP A 1 22 ? -1.910  14.200  -2.146  1.00 19.90 ? 22  ASP A CB  1 
ATOM   163 C CG  . ASP A 1 22 ? -0.429  14.279  -2.493  1.00 20.25 ? 22  ASP A CG  1 
ATOM   164 O OD1 . ASP A 1 22 ? 0.310   13.288  -2.342  1.00 20.25 ? 22  ASP A OD1 1 
ATOM   165 O OD2 . ASP A 1 22 ? -0.003  15.352  -2.970  1.00 29.95 ? 22  ASP A OD2 1 
ATOM   166 N N   . ALA A 1 23 ? -2.698  11.306  -2.179  1.00 19.26 ? 23  ALA A N   1 
ATOM   167 C CA  . ALA A 1 23 ? -2.599  9.884   -2.479  1.00 16.16 ? 23  ALA A CA  1 
ATOM   168 C C   . ALA A 1 23 ? -1.278  9.547   -3.147  1.00 14.55 ? 23  ALA A C   1 
ATOM   169 O O   . ALA A 1 23 ? -0.726  8.467   -2.915  1.00 13.91 ? 23  ALA A O   1 
ATOM   170 C CB  . ALA A 1 23 ? -3.776  9.452   -3.360  1.00 14.99 ? 23  ALA A CB  1 
ATOM   171 N N   . ALA A 1 24 ? -0.758  10.457  -3.977  1.00 16.39 ? 24  ALA A N   1 
ATOM   172 C CA  . ALA A 1 24 ? 0.494   10.188  -4.669  1.00 14.88 ? 24  ALA A CA  1 
ATOM   173 C C   . ALA A 1 24 ? 1.645   10.016  -3.693  1.00 16.58 ? 24  ALA A C   1 
ATOM   174 O O   . ALA A 1 24 ? 2.532   9.180   -3.905  1.00 15.42 ? 24  ALA A O   1 
ATOM   175 C CB  . ALA A 1 24 ? 0.796   11.318  -5.650  1.00 19.15 ? 24  ALA A CB  1 
ATOM   176 N N   . THR A 1 25 ? 1.668   10.827  -2.637  1.00 15.43 ? 25  THR A N   1 
ATOM   177 C CA  . THR A 1 25 ? 2.724   10.700  -1.638  1.00 15.40 ? 25  THR A CA  1 
ATOM   178 C C   . THR A 1 25 ? 2.574   9.410   -0.843  1.00 18.66 ? 25  THR A C   1 
ATOM   179 O O   . THR A 1 25 ? 3.560   8.698   -0.628  1.00 16.96 ? 25  THR A O   1 
ATOM   180 C CB  . THR A 1 25 ? 2.713   11.913  -0.723  1.00 21.64 ? 25  THR A CB  1 
ATOM   181 O OG1 . THR A 1 25 ? 2.852   13.096  -1.526  1.00 21.20 ? 25  THR A OG1 1 
ATOM   182 C CG2 . THR A 1 25 ? 3.862   11.834  0.280   1.00 24.78 ? 25  THR A CG2 1 
ATOM   183 N N   . ALA A 1 26 ? 1.344   9.084   -0.425  1.00 16.43 ? 26  ALA A N   1 
ATOM   184 C CA  . ALA A 1 26 ? 1.097   7.805   0.244   1.00 15.92 ? 26  ALA A CA  1 
ATOM   185 C C   . ALA A 1 26 ? 1.544   6.639   -0.616  1.00 16.36 ? 26  ALA A C   1 
ATOM   186 O O   . ALA A 1 26 ? 2.151   5.681   -0.124  1.00 17.83 ? 26  ALA A O   1 
ATOM   187 C CB  . ALA A 1 26 ? -0.393  7.657   0.570   1.00 13.53 ? 26  ALA A CB  1 
ATOM   188 N N   . GLU A 1 27 ? 1.230   6.699   -1.912  1.00 14.60 ? 27  GLU A N   1 
ATOM   189 C CA  . GLU A 1 27 ? 1.594   5.628   -2.826  1.00 14.27 ? 27  GLU A CA  1 
ATOM   190 C C   . GLU A 1 27 ? 3.098   5.390   -2.833  1.00 13.76 ? 27  GLU A C   1 
ATOM   191 O O   . GLU A 1 27 ? 3.554   4.243   -2.791  1.00 17.42 ? 27  GLU A O   1 
ATOM   192 C CB  . GLU A 1 27 ? 1.093   5.965   -4.235  1.00 17.01 ? 27  GLU A CB  1 
ATOM   193 C CG  . GLU A 1 27 ? 1.437   4.923   -5.272  1.00 15.28 ? 27  GLU A CG  1 
ATOM   194 C CD  . GLU A 1 27 ? 0.950   5.298   -6.691  1.00 18.91 ? 27  GLU A CD  1 
ATOM   195 O OE1 . GLU A 1 27 ? 1.233   6.416   -7.166  1.00 20.33 ? 27  GLU A OE1 1 
ATOM   196 O OE2 . GLU A 1 27 ? 0.266   4.478   -7.324  1.00 23.78 ? 27  GLU A OE2 1 
ATOM   197 N N   . LYS A 1 28 ? 3.888   6.462   -2.901  1.00 14.94 ? 28  LYS A N   1 
ATOM   198 C CA  . LYS A 1 28 ? 5.332   6.277   -2.960  1.00 20.06 ? 28  LYS A CA  1 
ATOM   199 C C   . LYS A 1 28 ? 5.848   5.639   -1.677  1.00 19.89 ? 28  LYS A C   1 
ATOM   200 O O   . LYS A 1 28 ? 6.667   4.710   -1.718  1.00 22.24 ? 28  LYS A O   1 
ATOM   201 C CB  . LYS A 1 28 ? 6.025   7.614   -3.216  1.00 21.63 ? 28  LYS A CB  1 
ATOM   202 C CG  . LYS A 1 28 ? 7.504   7.473   -3.558  1.00 25.81 ? 28  LYS A CG  1 
ATOM   203 C CD  . LYS A 1 28 ? 7.741   6.992   -4.975  1.00 31.38 ? 28  LYS A CD  1 
ATOM   204 C CE  . LYS A 1 28 ? 9.228   6.780   -5.259  1.00 29.49 ? 28  LYS A CE  1 
ATOM   205 N NZ  . LYS A 1 28 ? 9.470   6.183   -6.607  1.00 36.26 ? 28  LYS A NZ  1 
ATOM   206 N N   . VAL A 1 29 ? 5.367   6.115   -0.529  1.00 17.99 ? 29  VAL A N   1 
ATOM   207 C CA  . VAL A 1 29 ? 5.770   5.525   0.747   1.00 21.84 ? 29  VAL A CA  1 
ATOM   208 C C   . VAL A 1 29 ? 5.376   4.055   0.795   1.00 20.29 ? 29  VAL A C   1 
ATOM   209 O O   . VAL A 1 29 ? 6.174   3.195   1.195   1.00 19.87 ? 29  VAL A O   1 
ATOM   210 C CB  . VAL A 1 29 ? 5.164   6.316   1.922   1.00 22.08 ? 29  VAL A CB  1 
ATOM   211 C CG1 . VAL A 1 29 ? 5.430   5.596   3.219   1.00 23.97 ? 29  VAL A CG1 1 
ATOM   212 C CG2 . VAL A 1 29 ? 5.737   7.730   1.976   1.00 21.87 ? 29  VAL A CG2 1 
ATOM   213 N N   . PHE A 1 30 ? 4.154   3.739   0.332   1.00 19.65 ? 30  PHE A N   1 
ATOM   214 C CA  . PHE A 1 30 ? 3.690   2.354   0.329   1.00 20.13 ? 30  PHE A CA  1 
ATOM   215 C C   . PHE A 1 30 ? 4.479   1.485   -0.650  1.00 20.70 ? 30  PHE A C   1 
ATOM   216 O O   . PHE A 1 30 ? 4.697   0.295   -0.383  1.00 19.64 ? 30  PHE A O   1 
ATOM   217 C CB  . PHE A 1 30 ? 2.194   2.297   -0.003  1.00 17.88 ? 30  PHE A CB  1 
ATOM   218 C CG  . PHE A 1 30 ? 1.287   2.710   1.127   1.00 18.15 ? 30  PHE A CG  1 
ATOM   219 C CD1 . PHE A 1 30 ? 1.676   2.581   2.462   1.00 16.01 ? 30  PHE A CD1 1 
ATOM   220 C CD2 . PHE A 1 30 ? 0.023   3.222   0.854   1.00 13.05 ? 30  PHE A CD2 1 
ATOM   221 C CE1 . PHE A 1 30 ? 0.816   2.970   3.481   1.00 19.68 ? 30  PHE A CE1 1 
ATOM   222 C CE2 . PHE A 1 30 ? -0.832  3.600   1.860   1.00 12.95 ? 30  PHE A CE2 1 
ATOM   223 C CZ  . PHE A 1 30 ? -0.438  3.478   3.184   1.00 16.01 ? 30  PHE A CZ  1 
ATOM   224 N N   . LYS A 1 31 ? 4.912   2.049   -1.783  1.00 18.41 ? 31  LYS A N   1 
ATOM   225 C CA  . LYS A 1 31 ? 5.731   1.289   -2.721  1.00 20.55 ? 31  LYS A CA  1 
ATOM   226 C C   . LYS A 1 31 ? 7.027   0.829   -2.069  1.00 21.88 ? 31  LYS A C   1 
ATOM   227 O O   . LYS A 1 31 ? 7.468   -0.307  -2.269  1.00 26.21 ? 31  LYS A O   1 
ATOM   228 C CB  . LYS A 1 31 ? 6.029   2.135   -3.962  1.00 22.37 ? 31  LYS A CB  1 
ATOM   229 C CG  . LYS A 1 31 ? 7.023   1.492   -4.925  1.00 29.08 ? 31  LYS A CG  1 
ATOM   230 C CD  . LYS A 1 31 ? 6.471   0.209   -5.523  1.00 37.24 ? 31  LYS A CD  1 
ATOM   231 C CE  . LYS A 1 31 ? 7.263   -0.222  -6.756  1.00 36.89 ? 31  LYS A CE  1 
ATOM   232 N NZ  . LYS A 1 31 ? 6.847   -1.570  -7.243  1.00 40.55 ? 31  LYS A NZ  1 
ATOM   233 N N   . GLN A 1 32 ? 7.632   1.695   -1.263  1.00 22.34 ? 32  GLN A N   1 
ATOM   234 C CA  . GLN A 1 32 ? 8.904   1.351   -0.647  1.00 24.98 ? 32  GLN A CA  1 
ATOM   235 C C   . GLN A 1 32 ? 8.694   0.365   0.500   1.00 27.55 ? 32  GLN A C   1 
ATOM   236 O O   . GLN A 1 32 ? 9.499   -0.554  0.689   1.00 30.62 ? 32  GLN A O   1 
ATOM   237 C CB  . GLN A 1 32 ? 9.594   2.645   -0.216  1.00 25.93 ? 32  GLN A CB  1 
ATOM   238 C CG  . GLN A 1 32 ? 11.011  2.505   0.289   1.00 40.46 ? 32  GLN A CG  1 
ATOM   239 C CD  . GLN A 1 32 ? 11.065  2.398   1.787   1.00 40.75 ? 32  GLN A CD  1 
ATOM   240 O OE1 . GLN A 1 32 ? 10.412  3.160   2.490   1.00 47.39 ? 32  GLN A OE1 1 
ATOM   241 N NE2 . GLN A 1 32 ? 11.871  1.480   2.287   1.00 44.09 ? 32  GLN A NE2 1 
ATOM   242 N N   . TYR A 1 33 ? 7.585   0.502   1.237   1.00 27.27 ? 33  TYR A N   1 
ATOM   243 C CA  . TYR A 1 33 ? 7.200   -0.521  2.213   1.00 25.71 ? 33  TYR A CA  1 
ATOM   244 C C   . TYR A 1 33 ? 7.063   -1.892  1.555   1.00 26.97 ? 33  TYR A C   1 
ATOM   245 O O   . TYR A 1 33 ? 7.558   -2.897  2.079   1.00 27.87 ? 33  TYR A O   1 
ATOM   246 C CB  . TYR A 1 33 ? 5.893   -0.119  2.910   1.00 20.12 ? 33  TYR A CB  1 
ATOM   247 C CG  . TYR A 1 33 ? 5.284   -1.192  3.811   1.00 23.27 ? 33  TYR A CG  1 
ATOM   248 C CD1 . TYR A 1 33 ? 5.647   -1.294  5.149   1.00 26.79 ? 33  TYR A CD1 1 
ATOM   249 C CD2 . TYR A 1 33 ? 4.346   -2.096  3.320   1.00 25.96 ? 33  TYR A CD2 1 
ATOM   250 C CE1 . TYR A 1 33 ? 5.096   -2.265  5.973   1.00 22.91 ? 33  TYR A CE1 1 
ATOM   251 C CE2 . TYR A 1 33 ? 3.791   -3.076  4.139   1.00 26.08 ? 33  TYR A CE2 1 
ATOM   252 C CZ  . TYR A 1 33 ? 4.170   -3.150  5.466   1.00 22.60 ? 33  TYR A CZ  1 
ATOM   253 O OH  . TYR A 1 33 ? 3.615   -4.114  6.279   1.00 25.95 ? 33  TYR A OH  1 
ATOM   254 N N   . ALA A 1 34 ? 6.391   -1.955  0.397   1.00 23.97 ? 34  ALA A N   1 
ATOM   255 C CA  . ALA A 1 34 ? 6.167   -3.236  -0.265  1.00 28.03 ? 34  ALA A CA  1 
ATOM   256 C C   . ALA A 1 34 ? 7.480   -3.879  -0.698  1.00 31.05 ? 34  ALA A C   1 
ATOM   257 O O   . ALA A 1 34 ? 7.720   -5.062  -0.443  1.00 29.26 ? 34  ALA A O   1 
ATOM   258 C CB  . ALA A 1 34 ? 5.242   -3.048  -1.466  1.00 21.89 ? 34  ALA A CB  1 
ATOM   259 N N   . ASN A 1 35 ? 8.348   -3.116  -1.358  1.00 30.28 ? 35  ASN A N   1 
ATOM   260 C CA  . ASN A 1 35 ? 9.563   -3.742  -1.869  1.00 33.83 ? 35  ASN A CA  1 
ATOM   261 C C   . ASN A 1 35 ? 10.576  -4.027  -0.765  1.00 33.79 ? 35  ASN A C   1 
ATOM   262 O O   . ASN A 1 35 ? 11.392  -4.943  -0.911  1.00 37.24 ? 35  ASN A O   1 
ATOM   263 C CB  . ASN A 1 35 ? 10.179  -2.882  -2.972  1.00 39.01 ? 35  ASN A CB  1 
ATOM   264 C CG  . ASN A 1 35 ? 9.158   -2.453  -4.010  1.00 37.20 ? 35  ASN A CG  1 
ATOM   265 O OD1 . ASN A 1 35 ? 9.173   -1.313  -4.470  1.00 44.23 ? 35  ASN A OD1 1 
ATOM   266 N ND2 . ASN A 1 35 ? 8.253   -3.361  -4.371  1.00 44.90 ? 35  ASN A ND2 1 
ATOM   267 N N   . ASP A 1 36 ? 10.533  -3.280  0.343   1.00 29.71 ? 36  ASP A N   1 
ATOM   268 C CA  . ASP A 1 36 ? 11.354  -3.627  1.501   1.00 35.47 ? 36  ASP A CA  1 
ATOM   269 C C   . ASP A 1 36 ? 11.015  -4.999  2.054   1.00 40.24 ? 36  ASP A C   1 
ATOM   270 O O   . ASP A 1 36 ? 11.861  -5.620  2.705   1.00 37.81 ? 36  ASP A O   1 
ATOM   271 C CB  . ASP A 1 36 ? 11.192  -2.603  2.619   1.00 36.15 ? 36  ASP A CB  1 
ATOM   272 C CG  . ASP A 1 36 ? 12.142  -1.441  2.481   1.00 40.95 ? 36  ASP A CG  1 
ATOM   273 O OD1 . ASP A 1 36 ? 12.824  -1.348  1.441   1.00 43.29 ? 36  ASP A OD1 1 
ATOM   274 O OD2 . ASP A 1 36 ? 12.207  -0.619  3.419   1.00 48.28 ? 36  ASP A OD2 1 
ATOM   275 N N   . ASN A 1 37 ? 9.794   -5.475  1.821   1.00 33.69 ? 37  ASN A N   1 
ATOM   276 C CA  . ASN A 1 37 ? 9.357   -6.782  2.285   1.00 31.42 ? 37  ASN A CA  1 
ATOM   277 C C   . ASN A 1 37 ? 9.267   -7.787  1.144   1.00 35.75 ? 37  ASN A C   1 
ATOM   278 O O   . ASN A 1 37 ? 8.597   -8.817  1.272   1.00 38.41 ? 37  ASN A O   1 
ATOM   279 C CB  . ASN A 1 37 ? 8.030   -6.638  3.024   1.00 31.18 ? 37  ASN A CB  1 
ATOM   280 C CG  . ASN A 1 37 ? 8.179   -5.868  4.330   1.00 37.29 ? 37  ASN A CG  1 
ATOM   281 O OD1 . ASN A 1 37 ? 8.790   -6.357  5.279   1.00 39.79 ? 37  ASN A OD1 1 
ATOM   282 N ND2 . ASN A 1 37 ? 7.626   -4.662  4.383   1.00 36.44 ? 37  ASN A ND2 1 
ATOM   283 N N   . GLY A 1 38 ? 9.939   -7.505  0.033   1.00 32.63 ? 38  GLY A N   1 
ATOM   284 C CA  . GLY A 1 38 ? 10.030  -8.449  -1.062  1.00 35.11 ? 38  GLY A CA  1 
ATOM   285 C C   . GLY A 1 38 ? 8.729   -8.689  -1.784  1.00 33.26 ? 38  GLY A C   1 
ATOM   286 O O   . GLY A 1 38 ? 8.545   -9.757  -2.377  1.00 39.80 ? 38  GLY A O   1 
ATOM   287 N N   . VAL A 1 39 ? 7.814   -7.726  -1.745  1.00 36.28 ? 39  VAL A N   1 
ATOM   288 C CA  . VAL A 1 39 ? 6.531   -7.828  -2.430  1.00 36.58 ? 39  VAL A CA  1 
ATOM   289 C C   . VAL A 1 39 ? 6.535   -6.833  -3.582  1.00 40.25 ? 39  VAL A C   1 
ATOM   290 O O   . VAL A 1 39 ? 6.465   -5.616  -3.369  1.00 40.57 ? 39  VAL A O   1 
ATOM   291 C CB  . VAL A 1 39 ? 5.350   -7.574  -1.488  1.00 34.69 ? 39  VAL A CB  1 
ATOM   292 C CG1 . VAL A 1 39 ? 4.041   -7.748  -2.257  1.00 29.54 ? 39  VAL A CG1 1 
ATOM   293 C CG2 . VAL A 1 39 ? 5.415   -8.516  -0.293  1.00 32.25 ? 39  VAL A CG2 1 
ATOM   294 N N   . ASP A 1 40 ? 6.644   -7.356  -4.795  1.00 39.64 ? 40  ASP A N   1 
ATOM   295 C CA  . ASP A 1 40 ? 6.490   -6.605  -6.031  1.00 43.60 ? 40  ASP A CA  1 
ATOM   296 C C   . ASP A 1 40 ? 5.326   -7.223  -6.789  1.00 37.81 ? 40  ASP A C   1 
ATOM   297 O O   . ASP A 1 40 ? 5.261   -8.449  -6.941  1.00 38.60 ? 40  ASP A O   1 
ATOM   298 C CB  . ASP A 1 40 ? 7.781   -6.653  -6.864  1.00 43.74 ? 40  ASP A CB  1 
ATOM   299 C CG  . ASP A 1 40 ? 7.613   -6.072  -8.270  1.00 53.96 ? 40  ASP A CG  1 
ATOM   300 O OD1 . ASP A 1 40 ? 6.684   -5.254  -8.477  1.00 49.89 ? 40  ASP A OD1 1 
ATOM   301 O OD2 . ASP A 1 40 ? 8.417   -6.445  -9.159  1.00 56.18 ? 40  ASP A OD2 1 
ATOM   302 N N   . GLY A 1 41 ? 4.403   -6.391  -7.253  1.00 31.44 ? 41  GLY A N   1 
ATOM   303 C CA  . GLY A 1 41 ? 3.285   -6.948  -7.981  1.00 28.92 ? 41  GLY A CA  1 
ATOM   304 C C   . GLY A 1 41 ? 2.216   -5.978  -8.430  1.00 28.92 ? 41  GLY A C   1 
ATOM   305 O O   . GLY A 1 41 ? 2.513   -4.868  -8.875  1.00 27.89 ? 41  GLY A O   1 
ATOM   306 N N   . GLU A 1 42 ? 0.960   -6.403  -8.305  1.00 18.25 ? 42  GLU A N   1 
ATOM   307 C CA  . GLU A 1 42 ? -0.189  -5.697  -8.862  1.00 20.89 ? 42  GLU A CA  1 
ATOM   308 C C   . GLU A 1 42 ? -0.764  -4.727  -7.836  1.00 17.65 ? 42  GLU A C   1 
ATOM   309 O O   . GLU A 1 42 ? -1.043  -5.120  -6.702  1.00 17.72 ? 42  GLU A O   1 
ATOM   310 C CB  . GLU A 1 42 ? -1.254  -6.711  -9.290  1.00 26.19 ? 42  GLU A CB  1 
ATOM   311 C CG  . GLU A 1 42 ? -2.536  -6.119  -9.861  1.00 23.91 ? 42  GLU A CG  1 
ATOM   312 C CD  . GLU A 1 42 ? -3.593  -7.189  -10.188 1.00 32.12 ? 42  GLU A CD  1 
ATOM   313 O OE1 . GLU A 1 42 ? -4.783  -6.841  -10.349 1.00 28.10 ? 42  GLU A OE1 1 
ATOM   314 O OE2 . GLU A 1 42 ? -3.237  -8.379  -10.279 1.00 33.83 ? 42  GLU A OE2 1 
ATOM   315 N N   . TRP A 1 43 ? -0.949  -3.470  -8.237  1.00 16.35 ? 43  TRP A N   1 
ATOM   316 C CA  . TRP A 1 43 ? -1.413  -2.414  -7.344  1.00 15.26 ? 43  TRP A CA  1 
ATOM   317 C C   . TRP A 1 43 ? -2.830  -1.977  -7.699  1.00 14.89 ? 43  TRP A C   1 
ATOM   318 O O   . TRP A 1 43 ? -3.201  -1.934  -8.875  1.00 15.74 ? 43  TRP A O   1 
ATOM   319 C CB  . TRP A 1 43 ? -0.484  -1.198  -7.418  1.00 14.20 ? 43  TRP A CB  1 
ATOM   320 C CG  . TRP A 1 43 ? 0.820   -1.412  -6.742  1.00 16.68 ? 43  TRP A CG  1 
ATOM   321 C CD1 . TRP A 1 43 ? 1.917   -2.044  -7.252  1.00 17.05 ? 43  TRP A CD1 1 
ATOM   322 C CD2 . TRP A 1 43 ? 1.169   -0.988  -5.424  1.00 16.21 ? 43  TRP A CD2 1 
ATOM   323 N NE1 . TRP A 1 43 ? 2.935   -2.045  -6.320  1.00 18.75 ? 43  TRP A NE1 1 
ATOM   324 C CE2 . TRP A 1 43 ? 2.499   -1.396  -5.191  1.00 16.77 ? 43  TRP A CE2 1 
ATOM   325 C CE3 . TRP A 1 43 ? 0.489   -0.298  -4.414  1.00 17.45 ? 43  TRP A CE3 1 
ATOM   326 C CZ2 . TRP A 1 43 ? 3.156   -1.148  -3.986  1.00 16.30 ? 43  TRP A CZ2 1 
ATOM   327 C CZ3 . TRP A 1 43 ? 1.154   -0.046  -3.209  1.00 16.23 ? 43  TRP A CZ3 1 
ATOM   328 C CH2 . TRP A 1 43 ? 2.476   -0.469  -3.015  1.00 19.71 ? 43  TRP A CH2 1 
ATOM   329 N N   . THR A 1 44 ? -3.617  -1.645  -6.679  1.00 12.68 ? 44  THR A N   1 
ATOM   330 C CA  . THR A 1 44 ? -4.919  -1.017  -6.871  1.00 11.21 ? 44  THR A CA  1 
ATOM   331 C C   . THR A 1 44 ? -5.023  0.172   -5.917  1.00 10.34 ? 44  THR A C   1 
ATOM   332 O O   . THR A 1 44 ? -4.310  0.253   -4.907  1.00 12.77 ? 44  THR A O   1 
ATOM   333 C CB  . THR A 1 44 ? -6.089  -1.979  -6.577  1.00 12.68 ? 44  THR A CB  1 
ATOM   334 O OG1 . THR A 1 44 ? -6.089  -2.313  -5.180  1.00 13.37 ? 44  THR A OG1 1 
ATOM   335 C CG2 . THR A 1 44 ? -5.995  -3.255  -7.404  1.00 13.13 ? 44  THR A CG2 1 
ATOM   336 N N   . TYR A 1 45 ? -5.936  1.093   -6.233  1.00 8.85  ? 45  TYR A N   1 
ATOM   337 C CA  . TYR A 1 45 ? -6.234  2.200   -5.319  1.00 10.25 ? 45  TYR A CA  1 
ATOM   338 C C   . TYR A 1 45 ? -7.722  2.514   -5.360  1.00 12.40 ? 45  TYR A C   1 
ATOM   339 O O   . TYR A 1 45 ? -8.318  2.587   -6.438  1.00 12.55 ? 45  TYR A O   1 
ATOM   340 C CB  . TYR A 1 45 ? -5.442  3.464   -5.664  1.00 10.84 ? 45  TYR A CB  1 
ATOM   341 C CG  . TYR A 1 45 ? -5.797  4.622   -4.759  1.00 11.77 ? 45  TYR A CG  1 
ATOM   342 C CD1 . TYR A 1 45 ? -5.605  4.527   -3.392  1.00 11.81 ? 45  TYR A CD1 1 
ATOM   343 C CD2 . TYR A 1 45 ? -6.347  5.792   -5.271  1.00 12.45 ? 45  TYR A CD2 1 
ATOM   344 C CE1 . TYR A 1 45 ? -5.943  5.569   -2.542  1.00 16.68 ? 45  TYR A CE1 1 
ATOM   345 C CE2 . TYR A 1 45 ? -6.690  6.853   -4.430  1.00 15.27 ? 45  TYR A CE2 1 
ATOM   346 C CZ  . TYR A 1 45 ? -6.492  6.727   -3.069  1.00 19.17 ? 45  TYR A CZ  1 
ATOM   347 O OH  . TYR A 1 45 ? -6.808  7.753   -2.212  1.00 18.60 ? 45  TYR A OH  1 
ATOM   348 N N   . ASP A 1 46 ? -8.314  2.690   -4.182  1.00 10.61 ? 46  ASP A N   1 
ATOM   349 C CA  . ASP A 1 46 ? -9.726  3.048   -4.014  1.00 14.20 ? 46  ASP A CA  1 
ATOM   350 C C   . ASP A 1 46 ? -9.788  4.409   -3.336  1.00 17.41 ? 46  ASP A C   1 
ATOM   351 O O   . ASP A 1 46 ? -9.593  4.500   -2.121  1.00 15.60 ? 46  ASP A O   1 
ATOM   352 C CB  . ASP A 1 46 ? -10.451 1.992   -3.173  1.00 13.50 ? 46  ASP A CB  1 
ATOM   353 C CG  . ASP A 1 46 ? -11.874 2.383   -2.843  1.00 15.72 ? 46  ASP A CG  1 
ATOM   354 O OD1 . ASP A 1 46 ? -12.394 3.323   -3.469  1.00 18.19 ? 46  ASP A OD1 1 
ATOM   355 O OD2 . ASP A 1 46 ? -12.485 1.716   -1.987  1.00 17.90 ? 46  ASP A OD2 1 
ATOM   356 N N   . ASP A 1 47 ? -10.096 5.472   -4.090  1.00 16.81 ? 47  ASP A N   1 
ATOM   357 C CA  . ASP A 1 47 ? -10.079 6.789   -3.453  1.00 19.83 ? 47  ASP A CA  1 
ATOM   358 C C   . ASP A 1 47 ? -11.229 6.975   -2.472  1.00 20.90 ? 47  ASP A C   1 
ATOM   359 O O   . ASP A 1 47 ? -11.130 7.832   -1.583  1.00 20.24 ? 47  ASP A O   1 
ATOM   360 C CB  . ASP A 1 47 ? -10.118 7.900   -4.504  1.00 23.02 ? 47  ASP A CB  1 
ATOM   361 C CG  . ASP A 1 47 ? -9.711  9.258   -3.944  1.00 25.06 ? 47  ASP A CG  1 
ATOM   362 O OD1 . ASP A 1 47 ? -8.716  9.341   -3.192  1.00 29.11 ? 47  ASP A OD1 1 
ATOM   363 O OD2 . ASP A 1 47 ? -10.398 10.253  -4.254  1.00 39.66 ? 47  ASP A OD2 1 
ATOM   364 N N   . ALA A 1 48 ? -12.307 6.197   -2.612  1.00 18.32 ? 48  ALA A N   1 
ATOM   365 C CA  . ALA A 1 48 ? -13.449 6.320   -1.710  1.00 19.24 ? 48  ALA A CA  1 
ATOM   366 C C   . ALA A 1 48 ? -13.104 5.891   -0.291  1.00 20.32 ? 48  ALA A C   1 
ATOM   367 O O   . ALA A 1 48 ? -13.712 6.389   0.663   1.00 21.92 ? 48  ALA A O   1 
ATOM   368 C CB  . ALA A 1 48 ? -14.620 5.487   -2.212  1.00 18.56 ? 48  ALA A CB  1 
ATOM   369 N N   . THR A 1 49 ? -12.158 4.959   -0.129  1.00 19.14 ? 49  THR A N   1 
ATOM   370 C CA  . THR A 1 49 ? -11.720 4.517   1.191   1.00 18.11 ? 49  THR A CA  1 
ATOM   371 C C   . THR A 1 49 ? -10.242 4.787   1.453   1.00 17.32 ? 49  THR A C   1 
ATOM   372 O O   . THR A 1 49 ? -9.720  4.328   2.472   1.00 18.64 ? 49  THR A O   1 
ATOM   373 C CB  . THR A 1 49 ? -12.014 3.022   1.397   1.00 19.13 ? 49  THR A CB  1 
ATOM   374 O OG1 . THR A 1 49 ? -11.288 2.239   0.437   1.00 17.11 ? 49  THR A OG1 1 
ATOM   375 C CG2 . THR A 1 49 ? -13.511 2.747   1.250   1.00 20.46 ? 49  THR A CG2 1 
ATOM   376 N N   . LYS A 1 50 ? -9.560  5.521   0.572   1.00 17.13 ? 50  LYS A N   1 
ATOM   377 C CA  . LYS A 1 50 ? -8.128  5.812   0.707   1.00 15.42 ? 50  LYS A CA  1 
ATOM   378 C C   . LYS A 1 50 ? -7.328  4.536   0.965   1.00 15.05 ? 50  LYS A C   1 
ATOM   379 O O   . LYS A 1 50 ? -6.463  4.480   1.842   1.00 15.44 ? 50  LYS A O   1 
ATOM   380 C CB  . LYS A 1 50 ? -7.877  6.845   1.815   1.00 16.96 ? 50  LYS A CB  1 
ATOM   381 C CG  . LYS A 1 50 ? -8.702  8.098   1.644   1.00 18.36 ? 50  LYS A CG  1 
ATOM   382 C CD  . LYS A 1 50 ? -8.351  8.842   0.392   1.00 21.57 ? 50  LYS A CD  1 
ATOM   383 C CE  . LYS A 1 50 ? -9.176  10.132  0.293   1.00 33.99 ? 50  LYS A CE  1 
ATOM   384 N NZ  . LYS A 1 50 ? -9.005  10.966  1.517   1.00 40.03 ? 50  LYS A NZ  1 
ATOM   385 N N   . THR A 1 51 ? -7.630  3.497   0.196   1.00 14.12 ? 51  THR A N   1 
ATOM   386 C CA  . THR A 1 51 ? -7.041  2.181   0.414   1.00 15.24 ? 51  THR A CA  1 
ATOM   387 C C   . THR A 1 51 ? -6.315  1.694   -0.832  1.00 11.30 ? 51  THR A C   1 
ATOM   388 O O   . THR A 1 51 ? -6.931  1.537   -1.892  1.00 11.62 ? 51  THR A O   1 
ATOM   389 C CB  . THR A 1 51 ? -8.117  1.173   0.816   1.00 16.10 ? 51  THR A CB  1 
ATOM   390 O OG1 . THR A 1 51 ? -8.656  1.548   2.092   1.00 16.20 ? 51  THR A OG1 1 
ATOM   391 C CG2 . THR A 1 51 ? -7.513  -0.232  0.911   1.00 15.06 ? 51  THR A CG2 1 
ATOM   392 N N   . PHE A 1 52 ? -5.013  1.450   -0.691  1.00 12.89 ? 52  PHE A N   1 
ATOM   393 C CA  . PHE A 1 52 ? -4.218  0.750   -1.687  1.00 11.87 ? 52  PHE A CA  1 
ATOM   394 C C   . PHE A 1 52 ? -4.184  -0.738  -1.373  1.00 12.22 ? 52  PHE A C   1 
ATOM   395 O O   . PHE A 1 52 ? -4.256  -1.141  -0.209  1.00 11.09 ? 52  PHE A O   1 
ATOM   396 C CB  . PHE A 1 52 ? -2.777  1.259   -1.708  1.00 14.04 ? 52  PHE A CB  1 
ATOM   397 C CG  . PHE A 1 52 ? -2.631  2.692   -2.113  1.00 12.66 ? 52  PHE A CG  1 
ATOM   398 C CD1 . PHE A 1 52 ? -2.772  3.719   -1.184  1.00 15.15 ? 52  PHE A CD1 1 
ATOM   399 C CD2 . PHE A 1 52 ? -2.311  3.011   -3.426  1.00 13.29 ? 52  PHE A CD2 1 
ATOM   400 C CE1 . PHE A 1 52 ? -2.619  5.045   -1.561  1.00 11.60 ? 52  PHE A CE1 1 
ATOM   401 C CE2 . PHE A 1 52 ? -2.161  4.329   -3.808  1.00 12.29 ? 52  PHE A CE2 1 
ATOM   402 C CZ  . PHE A 1 52 ? -2.308  5.347   -2.880  1.00 17.49 ? 52  PHE A CZ  1 
ATOM   403 N N   . THR A 1 53 ? -4.056  -1.556  -2.418  1.00 12.97 ? 53  THR A N   1 
ATOM   404 C CA  . THR A 1 53 ? -3.617  -2.937  -2.231  1.00 12.05 ? 53  THR A CA  1 
ATOM   405 C C   . THR A 1 53 ? -2.440  -3.226  -3.153  1.00 12.33 ? 53  THR A C   1 
ATOM   406 O O   . THR A 1 53 ? -2.329  -2.652  -4.241  1.00 12.57 ? 53  THR A O   1 
ATOM   407 C CB  . THR A 1 53 ? -4.731  -3.965  -2.471  1.00 12.27 ? 53  THR A CB  1 
ATOM   408 O OG1 . THR A 1 53 ? -4.941  -4.157  -3.884  1.00 15.03 ? 53  THR A OG1 1 
ATOM   409 C CG2 . THR A 1 53 ? -6.019  -3.530  -1.809  1.00 12.84 ? 53  THR A CG2 1 
ATOM   410 N N   . VAL A 1 54 ? -1.541  -4.090  -2.694  1.00 14.81 ? 54  VAL A N   1 
ATOM   411 C CA  . VAL A 1 54 ? -0.469  -4.616  -3.535  1.00 11.67 ? 54  VAL A CA  1 
ATOM   412 C C   . VAL A 1 54 ? -0.445  -6.125  -3.368  1.00 14.80 ? 54  VAL A C   1 
ATOM   413 O O   . VAL A 1 54 ? -0.484  -6.635  -2.243  1.00 14.44 ? 54  VAL A O   1 
ATOM   414 C CB  . VAL A 1 54 ? 0.905   -3.996  -3.212  1.00 15.09 ? 54  VAL A CB  1 
ATOM   415 C CG1 . VAL A 1 54 ? 1.276   -4.163  -1.722  1.00 17.08 ? 54  VAL A CG1 1 
ATOM   416 C CG2 . VAL A 1 54 ? 1.979   -4.575  -4.100  1.00 16.91 ? 54  VAL A CG2 1 
ATOM   417 N N   . THR A 1 55 ? -0.395  -6.843  -4.485  1.00 14.70 ? 55  THR A N   1 
ATOM   418 C CA  . THR A 1 55 ? -0.507  -8.293  -4.446  1.00 14.31 ? 55  THR A CA  1 
ATOM   419 C C   . THR A 1 55 ? 0.630   -8.898  -5.248  1.00 19.20 ? 55  THR A C   1 
ATOM   420 O O   . THR A 1 55 ? 0.844   -8.520  -6.400  1.00 18.55 ? 55  THR A O   1 
ATOM   421 C CB  . THR A 1 55 ? -1.863  -8.738  -4.994  1.00 17.31 ? 55  THR A CB  1 
ATOM   422 O OG1 . THR A 1 55 ? -2.900  -8.210  -4.155  1.00 18.25 ? 55  THR A OG1 1 
ATOM   423 C CG2 . THR A 1 55 ? -1.973  -10.256 -5.008  1.00 19.67 ? 55  THR A CG2 1 
ATOM   424 N N   . GLU A 1 56 ? 1.357   -9.819  -4.633  1.00 18.97 ? 56  GLU A N   1 
ATOM   425 C CA  . GLU A 1 56 ? 2.466   -10.487 -5.298  1.00 23.82 ? 56  GLU A CA  1 
ATOM   426 C C   . GLU A 1 56 ? 1.997   -11.136 -6.603  1.00 23.34 ? 56  GLU A C   1 
ATOM   427 O O   . GLU A 1 56 ? 0.911   -11.714 -6.662  1.00 20.11 ? 56  GLU A O   1 
ATOM   428 C CB  . GLU A 1 56 ? 3.078   -11.532 -4.365  1.00 27.26 ? 56  GLU A CB  1 
ATOM   429 C CG  . GLU A 1 56 ? 4.306   -12.211 -4.924  1.00 33.57 ? 56  GLU A CG  1 
ATOM   430 C CD  . GLU A 1 56 ? 5.525   -11.320 -4.866  1.00 35.91 ? 56  GLU A CD  1 
ATOM   431 O OE1 . GLU A 1 56 ? 5.755   -10.694 -3.806  1.00 42.58 ? 56  GLU A OE1 1 
ATOM   432 O OE2 . GLU A 1 56 ? 6.254   -11.248 -5.875  1.00 43.34 ? 56  GLU A OE2 1 
ATOM   433 O OXT . GLU A 1 56 ? 2.673   -11.080 -7.641  1.00 28.25 ? 56  GLU A OXT 1 
HETATM 434 O O   . HOH B 2 .  ? 10.729  -7.214  6.014   1.00 43.29 ? 101 HOH A O   1 
HETATM 435 O O   . HOH B 2 .  ? 5.592   -3.427  -6.981  1.00 32.98 ? 102 HOH A O   1 
HETATM 436 O O   . HOH B 2 .  ? 2.017   14.337  3.396   1.00 25.08 ? 103 HOH A O   1 
HETATM 437 O O   . HOH B 2 .  ? -0.381  6.187   9.985   1.00 20.38 ? 104 HOH A O   1 
HETATM 438 O O   . HOH B 2 .  ? -4.549  -9.492  -2.744  1.00 25.94 ? 105 HOH A O   1 
HETATM 439 O O   . HOH B 2 .  ? -7.547  -0.596  -3.748  1.00 14.25 ? 106 HOH A O   1 
HETATM 440 O O   . HOH B 2 .  ? -15.193 1.661   -1.947  1.00 22.63 ? 107 HOH A O   1 
HETATM 441 O O   . HOH B 2 .  ? -4.864  12.702  -3.029  1.00 27.44 ? 108 HOH A O   1 
HETATM 442 O O   . HOH B 2 .  ? -3.426  -5.718  -5.524  1.00 16.86 ? 109 HOH A O   1 
HETATM 443 O O   . HOH B 2 .  ? 3.703   2.538   7.275   1.00 33.01 ? 110 HOH A O   1 
HETATM 444 O O   . HOH B 2 .  ? 1.042   -14.577 -6.635  1.00 20.37 ? 111 HOH A O   1 
HETATM 445 O O   . HOH B 2 .  ? -0.193  -2.504  -10.847 1.00 26.57 ? 112 HOH A O   1 
HETATM 446 O O   . HOH B 2 .  ? 3.892   -17.177 0.032   1.00 20.53 ? 113 HOH A O   1 
HETATM 447 O O   . HOH B 2 .  ? -10.297 -2.278  2.863   1.00 37.26 ? 114 HOH A O   1 
HETATM 448 O O   . HOH B 2 .  ? -7.813  4.718   4.985   1.00 29.29 ? 115 HOH A O   1 
HETATM 449 O O   . HOH B 2 .  ? 8.995   -9.839  4.274   0.50 32.85 ? 116 HOH A O   1 
HETATM 450 O O   . HOH B 2 .  ? -3.855  13.752  8.320   1.00 42.99 ? 117 HOH A O   1 
HETATM 451 O O   . HOH B 2 .  ? -4.617  -8.643  4.796   1.00 38.78 ? 118 HOH A O   1 
# 
